data_2BN6
#
_entry.id   2BN6
#
_cell.length_a   1.000
_cell.length_b   1.000
_cell.length_c   1.000
_cell.angle_alpha   90.00
_cell.angle_beta   90.00
_cell.angle_gamma   90.00
#
_symmetry.space_group_name_H-M   'P 1'
#
_entity_poly.entity_id   1
_entity_poly.type   'polypeptide(L)'
_entity_poly.pdbx_seq_one_letter_code
;GADYSAQWAEYYRSVGKIEEAEAIEKTLKNKQN
;
_entity_poly.pdbx_strand_id   A
#
# COMPACT_ATOMS: atom_id res chain seq x y z
N GLY A 1 -3.13 -9.77 -11.18
CA GLY A 1 -3.58 -8.62 -10.34
C GLY A 1 -2.72 -7.38 -10.54
N ALA A 2 -3.32 -6.22 -10.34
CA ALA A 2 -2.60 -4.96 -10.50
C ALA A 2 -1.56 -4.77 -9.41
N ASP A 3 -2.02 -4.36 -8.24
CA ASP A 3 -1.13 -4.13 -7.10
C ASP A 3 -0.13 -3.02 -7.40
N TYR A 4 -0.42 -1.83 -6.89
CA TYR A 4 0.45 -0.67 -7.10
C TYR A 4 0.72 0.06 -5.81
N SER A 5 -0.35 0.42 -5.12
CA SER A 5 -0.22 1.13 -3.86
C SER A 5 0.19 0.17 -2.75
N ALA A 6 0.72 -0.98 -3.16
CA ALA A 6 1.18 -1.98 -2.23
C ALA A 6 2.69 -1.94 -2.17
N GLN A 7 3.30 -1.80 -3.33
CA GLN A 7 4.75 -1.72 -3.41
C GLN A 7 5.21 -0.54 -2.57
N TRP A 8 4.44 0.54 -2.65
CA TRP A 8 4.73 1.74 -1.89
C TRP A 8 4.36 1.55 -0.43
N ALA A 9 3.28 0.80 -0.20
CA ALA A 9 2.84 0.52 1.16
C ALA A 9 3.80 -0.44 1.84
N GLU A 10 4.64 -1.11 1.04
CA GLU A 10 5.60 -2.07 1.58
C GLU A 10 6.74 -1.36 2.31
N TYR A 11 7.16 -0.22 1.78
CA TYR A 11 8.24 0.55 2.40
C TYR A 11 7.84 1.02 3.78
N TYR A 12 6.63 1.56 3.90
CA TYR A 12 6.13 2.04 5.17
C TYR A 12 6.20 0.94 6.23
N ARG A 13 6.11 -0.30 5.78
CA ARG A 13 6.17 -1.44 6.69
C ARG A 13 7.52 -1.52 7.38
N SER A 14 8.53 -0.87 6.79
CA SER A 14 9.86 -0.88 7.36
C SER A 14 10.34 0.53 7.72
N VAL A 15 9.66 1.54 7.21
CA VAL A 15 10.02 2.92 7.51
C VAL A 15 9.24 3.41 8.73
N GLY A 16 8.84 2.48 9.59
CA GLY A 16 8.08 2.85 10.76
C GLY A 16 6.79 3.53 10.41
N LYS A 17 6.27 3.22 9.23
CA LYS A 17 5.02 3.80 8.78
C LYS A 17 4.01 2.71 8.43
N ILE A 18 4.28 1.50 8.90
CA ILE A 18 3.39 0.37 8.65
C ILE A 18 1.95 0.76 8.93
N GLU A 19 1.77 1.68 9.87
CA GLU A 19 0.43 2.16 10.21
C GLU A 19 -0.10 3.05 9.09
N GLU A 20 0.62 4.14 8.82
CA GLU A 20 0.22 5.05 7.75
C GLU A 20 0.17 4.30 6.43
N ALA A 21 0.89 3.18 6.36
CA ALA A 21 0.91 2.37 5.16
C ALA A 21 -0.47 1.84 4.85
N GLU A 22 -1.26 1.60 5.89
CA GLU A 22 -2.62 1.09 5.71
C GLU A 22 -3.39 1.98 4.74
N ALA A 23 -3.12 3.28 4.80
CA ALA A 23 -3.78 4.24 3.92
C ALA A 23 -3.36 3.99 2.49
N ILE A 24 -2.09 4.26 2.21
CA ILE A 24 -1.54 4.07 0.88
C ILE A 24 -1.66 2.61 0.45
N GLU A 25 -1.89 1.71 1.42
CA GLU A 25 -2.04 0.30 1.11
C GLU A 25 -3.44 0.02 0.59
N LYS A 26 -4.40 0.86 0.96
CA LYS A 26 -5.78 0.69 0.52
C LYS A 26 -5.93 1.04 -0.96
N THR A 27 -4.97 1.78 -1.50
CA THR A 27 -5.03 2.16 -2.92
C THR A 27 -4.64 0.98 -3.81
N LEU A 28 -3.88 0.04 -3.24
CA LEU A 28 -3.45 -1.13 -3.99
C LEU A 28 -4.63 -2.04 -4.32
N LYS A 29 -5.65 -2.02 -3.47
CA LYS A 29 -6.84 -2.84 -3.66
C LYS A 29 -7.36 -2.72 -5.10
N ASN A 30 -6.90 -3.63 -5.96
CA ASN A 30 -7.31 -3.62 -7.36
C ASN A 30 -7.96 -4.95 -7.74
N LYS A 31 -8.94 -5.37 -6.96
CA LYS A 31 -9.64 -6.63 -7.21
C LYS A 31 -11.02 -6.37 -7.81
N GLN A 32 -11.71 -5.36 -7.30
CA GLN A 32 -13.04 -5.02 -7.78
C GLN A 32 -12.99 -4.55 -9.23
N ASN A 33 -12.19 -3.51 -9.49
CA ASN A 33 -12.04 -2.97 -10.83
C ASN A 33 -11.06 -3.80 -11.65
N GLY A 1 -2.75 -9.10 -12.00
CA GLY A 1 -2.63 -9.06 -10.51
C GLY A 1 -2.97 -7.71 -9.95
N ALA A 2 -2.41 -6.65 -10.53
CA ALA A 2 -2.66 -5.29 -10.08
C ALA A 2 -2.08 -5.07 -8.68
N ASP A 3 -0.95 -4.39 -8.63
CA ASP A 3 -0.28 -4.10 -7.36
C ASP A 3 0.57 -2.85 -7.48
N TYR A 4 -0.03 -1.71 -7.14
CA TYR A 4 0.68 -0.43 -7.22
C TYR A 4 0.83 0.21 -5.86
N SER A 5 -0.29 0.34 -5.15
CA SER A 5 -0.26 0.93 -3.83
C SER A 5 0.24 -0.06 -2.80
N ALA A 6 1.01 -1.04 -3.29
CA ALA A 6 1.61 -2.03 -2.44
C ALA A 6 3.09 -1.79 -2.37
N GLN A 7 3.66 -1.35 -3.49
CA GLN A 7 5.08 -1.08 -3.54
C GLN A 7 5.46 0.04 -2.59
N TRP A 8 4.57 1.02 -2.43
CA TRP A 8 4.83 2.13 -1.52
C TRP A 8 4.46 1.73 -0.11
N ALA A 9 3.40 0.93 -0.01
CA ALA A 9 2.94 0.43 1.28
C ALA A 9 3.98 -0.51 1.87
N GLU A 10 4.86 -1.04 1.01
CA GLU A 10 5.91 -1.94 1.46
C GLU A 10 6.96 -1.20 2.28
N TYR A 11 7.34 -0.03 1.80
CA TYR A 11 8.33 0.79 2.50
C TYR A 11 7.81 1.20 3.86
N TYR A 12 6.58 1.71 3.87
CA TYR A 12 5.94 2.13 5.11
C TYR A 12 5.96 1.00 6.14
N ARG A 13 5.76 -0.22 5.65
CA ARG A 13 5.74 -1.39 6.52
C ARG A 13 7.12 -1.69 7.11
N SER A 14 8.14 -1.01 6.60
CA SER A 14 9.50 -1.23 7.09
C SER A 14 10.13 0.05 7.64
N VAL A 15 9.64 1.19 7.19
CA VAL A 15 10.17 2.48 7.66
C VAL A 15 9.36 2.98 8.85
N GLY A 16 8.85 2.05 9.66
CA GLY A 16 8.05 2.43 10.81
C GLY A 16 6.84 3.22 10.44
N LYS A 17 6.35 3.00 9.22
CA LYS A 17 5.17 3.69 8.75
C LYS A 17 4.07 2.69 8.41
N ILE A 18 4.19 1.49 8.97
CA ILE A 18 3.21 0.44 8.76
C ILE A 18 1.80 0.97 8.97
N GLU A 19 1.67 1.94 9.86
CA GLU A 19 0.37 2.54 10.14
C GLU A 19 -0.08 3.39 8.95
N GLU A 20 0.70 4.40 8.62
CA GLU A 20 0.38 5.27 7.50
C GLU A 20 0.30 4.45 6.21
N ALA A 21 0.95 3.28 6.22
CA ALA A 21 0.93 2.40 5.07
C ALA A 21 -0.49 1.95 4.76
N GLU A 22 -1.26 1.71 5.82
CA GLU A 22 -2.65 1.27 5.65
C GLU A 22 -3.37 2.18 4.67
N ALA A 23 -2.97 3.45 4.64
CA ALA A 23 -3.57 4.42 3.73
C ALA A 23 -3.27 4.05 2.29
N ILE A 24 -2.01 4.21 1.92
CA ILE A 24 -1.57 3.88 0.58
C ILE A 24 -1.78 2.40 0.29
N GLU A 25 -1.96 1.61 1.34
CA GLU A 25 -2.20 0.18 1.20
C GLU A 25 -3.64 -0.06 0.75
N LYS A 26 -4.54 0.85 1.13
CA LYS A 26 -5.94 0.73 0.75
C LYS A 26 -6.14 1.05 -0.72
N THR A 27 -5.10 1.57 -1.37
CA THR A 27 -5.19 1.88 -2.79
C THR A 27 -4.72 0.67 -3.58
N LEU A 28 -4.15 -0.29 -2.86
CA LEU A 28 -3.65 -1.52 -3.44
C LEU A 28 -4.81 -2.42 -3.86
N LYS A 29 -5.93 -2.32 -3.13
CA LYS A 29 -7.10 -3.13 -3.44
C LYS A 29 -7.60 -2.85 -4.86
N ASN A 30 -6.91 -3.41 -5.85
CA ASN A 30 -7.28 -3.22 -7.24
C ASN A 30 -7.92 -4.48 -7.80
N LYS A 31 -9.25 -4.58 -7.66
CA LYS A 31 -9.98 -5.74 -8.15
C LYS A 31 -11.39 -5.33 -8.58
N GLN A 32 -11.53 -4.11 -9.06
CA GLN A 32 -12.82 -3.60 -9.50
C GLN A 32 -12.85 -3.41 -11.02
N ASN A 33 -13.58 -4.28 -11.71
CA ASN A 33 -13.68 -4.21 -13.16
C ASN A 33 -14.43 -2.95 -13.59
N GLY A 1 -6.29 -6.22 -10.29
CA GLY A 1 -5.17 -7.18 -10.40
C GLY A 1 -3.89 -6.54 -10.92
N ALA A 2 -3.49 -5.45 -10.27
CA ALA A 2 -2.28 -4.74 -10.68
C ALA A 2 -1.34 -4.54 -9.49
N ASP A 3 -1.90 -4.15 -8.36
CA ASP A 3 -1.13 -3.92 -7.14
C ASP A 3 -0.12 -2.79 -7.36
N TYR A 4 -0.46 -1.60 -6.88
CA TYR A 4 0.42 -0.44 -7.01
C TYR A 4 0.68 0.20 -5.67
N SER A 5 -0.38 0.54 -4.97
CA SER A 5 -0.26 1.16 -3.66
C SER A 5 0.13 0.12 -2.62
N ALA A 6 0.71 -0.98 -3.09
CA ALA A 6 1.16 -2.03 -2.22
C ALA A 6 2.67 -1.99 -2.15
N GLN A 7 3.30 -1.77 -3.30
CA GLN A 7 4.74 -1.69 -3.35
C GLN A 7 5.18 -0.52 -2.49
N TRP A 8 4.40 0.54 -2.52
CA TRP A 8 4.68 1.73 -1.74
C TRP A 8 4.35 1.48 -0.27
N ALA A 9 3.30 0.71 -0.03
CA ALA A 9 2.90 0.39 1.33
C ALA A 9 3.89 -0.59 1.96
N GLU A 10 4.76 -1.17 1.13
CA GLU A 10 5.76 -2.12 1.61
C GLU A 10 6.89 -1.40 2.33
N TYR A 11 7.26 -0.23 1.82
CA TYR A 11 8.33 0.56 2.45
C TYR A 11 7.89 1.03 3.82
N TYR A 12 6.72 1.64 3.89
CA TYR A 12 6.18 2.12 5.15
C TYR A 12 6.19 1.02 6.20
N ARG A 13 5.99 -0.21 5.74
CA ARG A 13 5.97 -1.36 6.62
C ARG A 13 7.35 -1.61 7.23
N SER A 14 8.38 -0.94 6.72
CA SER A 14 9.72 -1.10 7.25
C SER A 14 10.42 0.24 7.43
N VAL A 15 9.63 1.31 7.49
CA VAL A 15 10.16 2.65 7.69
C VAL A 15 9.44 3.32 8.85
N GLY A 16 8.86 2.51 9.73
CA GLY A 16 8.13 3.05 10.86
C GLY A 16 6.89 3.76 10.42
N LYS A 17 6.38 3.39 9.25
CA LYS A 17 5.19 4.00 8.71
C LYS A 17 4.14 2.93 8.41
N ILE A 18 4.36 1.75 8.96
CA ILE A 18 3.45 0.63 8.78
C ILE A 18 2.00 1.08 8.96
N GLU A 19 1.82 2.03 9.87
CA GLU A 19 0.49 2.56 10.14
C GLU A 19 -0.04 3.34 8.95
N GLU A 20 0.66 4.40 8.58
CA GLU A 20 0.27 5.21 7.44
C GLU A 20 0.23 4.36 6.18
N ALA A 21 0.96 3.24 6.20
CA ALA A 21 0.99 2.34 5.06
C ALA A 21 -0.39 1.74 4.81
N GLU A 22 -1.13 1.48 5.90
CA GLU A 22 -2.46 0.91 5.78
C GLU A 22 -3.31 1.71 4.82
N ALA A 23 -3.19 3.03 4.88
CA ALA A 23 -3.95 3.91 4.00
C ALA A 23 -3.51 3.72 2.57
N ILE A 24 -2.25 4.03 2.29
CA ILE A 24 -1.69 3.88 0.96
C ILE A 24 -1.72 2.42 0.51
N GLU A 25 -1.98 1.50 1.45
CA GLU A 25 -2.05 0.08 1.11
C GLU A 25 -3.43 -0.25 0.57
N LYS A 26 -4.44 0.50 0.99
CA LYS A 26 -5.80 0.26 0.53
C LYS A 26 -6.01 0.80 -0.88
N THR A 27 -5.04 1.56 -1.38
CA THR A 27 -5.14 2.09 -2.73
C THR A 27 -4.75 1.03 -3.75
N LEU A 28 -3.94 0.07 -3.30
CA LEU A 28 -3.50 -1.01 -4.18
C LEU A 28 -4.69 -1.82 -4.68
N LYS A 29 -5.77 -1.85 -3.88
CA LYS A 29 -6.97 -2.58 -4.25
C LYS A 29 -7.53 -2.05 -5.56
N ASN A 30 -6.98 -2.52 -6.68
CA ASN A 30 -7.42 -2.08 -7.99
C ASN A 30 -8.83 -2.60 -8.30
N LYS A 31 -8.94 -3.92 -8.46
CA LYS A 31 -10.23 -4.54 -8.76
C LYS A 31 -10.17 -6.04 -8.52
N GLN A 32 -11.33 -6.66 -8.35
CA GLN A 32 -11.41 -8.10 -8.11
C GLN A 32 -10.66 -8.48 -6.84
N ASN A 33 -10.85 -9.71 -6.39
CA ASN A 33 -10.19 -10.19 -5.18
C ASN A 33 -10.48 -11.67 -4.95
N GLY A 1 -1.73 -9.54 -9.80
CA GLY A 1 -2.26 -8.63 -10.86
C GLY A 1 -1.47 -7.33 -10.95
N ALA A 2 -2.16 -6.21 -10.82
CA ALA A 2 -1.52 -4.90 -10.90
C ALA A 2 -0.68 -4.64 -9.66
N ASP A 3 -1.33 -4.25 -8.57
CA ASP A 3 -0.65 -3.97 -7.32
C ASP A 3 0.28 -2.76 -7.47
N TYR A 4 -0.18 -1.61 -7.00
CA TYR A 4 0.61 -0.39 -7.09
C TYR A 4 0.75 0.27 -5.73
N SER A 5 -0.37 0.44 -5.06
CA SER A 5 -0.37 1.04 -3.74
C SER A 5 0.11 0.05 -2.69
N ALA A 6 0.89 -0.93 -3.15
CA ALA A 6 1.44 -1.93 -2.28
C ALA A 6 2.92 -1.70 -2.15
N GLN A 7 3.54 -1.27 -3.25
CA GLN A 7 4.96 -1.02 -3.24
C GLN A 7 5.30 0.11 -2.27
N TRP A 8 4.37 1.04 -2.08
CA TRP A 8 4.58 2.15 -1.16
C TRP A 8 4.15 1.72 0.24
N ALA A 9 3.10 0.91 0.28
CA ALA A 9 2.60 0.41 1.55
C ALA A 9 3.49 -0.70 2.06
N GLU A 10 4.44 -1.15 1.22
CA GLU A 10 5.35 -2.21 1.60
C GLU A 10 6.59 -1.65 2.30
N TYR A 11 7.18 -0.63 1.71
CA TYR A 11 8.36 -0.01 2.30
C TYR A 11 7.97 0.79 3.53
N TYR A 12 6.70 1.19 3.61
CA TYR A 12 6.21 1.93 4.76
C TYR A 12 6.22 1.02 5.99
N ARG A 13 5.99 -0.27 5.75
CA ARG A 13 5.95 -1.26 6.82
C ARG A 13 7.34 -1.46 7.44
N SER A 14 8.37 -0.87 6.84
CA SER A 14 9.73 -1.01 7.35
C SER A 14 10.31 0.32 7.83
N VAL A 15 9.78 1.42 7.32
CA VAL A 15 10.25 2.74 7.72
C VAL A 15 9.37 3.32 8.81
N GLY A 16 8.88 2.45 9.69
CA GLY A 16 8.02 2.87 10.77
C GLY A 16 6.77 3.55 10.25
N LYS A 17 6.42 3.23 9.01
CA LYS A 17 5.23 3.79 8.39
C LYS A 17 4.17 2.72 8.18
N ILE A 18 4.31 1.63 8.91
CA ILE A 18 3.36 0.52 8.83
C ILE A 18 1.93 1.02 8.95
N GLU A 19 1.72 1.95 9.86
CA GLU A 19 0.39 2.51 10.07
C GLU A 19 -0.04 3.34 8.87
N GLU A 20 0.79 4.31 8.50
CA GLU A 20 0.50 5.16 7.36
C GLU A 20 0.43 4.33 6.09
N ALA A 21 1.09 3.17 6.09
CA ALA A 21 1.08 2.30 4.94
C ALA A 21 -0.32 1.78 4.67
N GLU A 22 -1.02 1.39 5.74
CA GLU A 22 -2.37 0.86 5.61
C GLU A 22 -3.21 1.77 4.73
N ALA A 23 -2.97 3.08 4.82
CA ALA A 23 -3.68 4.04 4.01
C ALA A 23 -3.40 3.82 2.55
N ILE A 24 -2.16 4.09 2.17
CA ILE A 24 -1.74 3.92 0.80
C ILE A 24 -2.03 2.50 0.34
N GLU A 25 -1.96 1.55 1.26
CA GLU A 25 -2.24 0.15 0.95
C GLU A 25 -3.66 -0.01 0.42
N LYS A 26 -4.58 0.81 0.91
CA LYS A 26 -5.98 0.73 0.48
C LYS A 26 -6.12 1.04 -1.01
N THR A 27 -5.16 1.76 -1.57
CA THR A 27 -5.21 2.09 -3.00
C THR A 27 -4.70 0.91 -3.82
N LEU A 28 -4.01 -0.01 -3.16
CA LEU A 28 -3.47 -1.18 -3.84
C LEU A 28 -4.57 -2.19 -4.16
N LYS A 29 -5.66 -2.13 -3.40
CA LYS A 29 -6.78 -3.04 -3.63
C LYS A 29 -7.44 -2.75 -4.97
N ASN A 30 -6.71 -3.00 -6.06
CA ASN A 30 -7.21 -2.77 -7.40
C ASN A 30 -8.38 -3.69 -7.72
N LYS A 31 -9.45 -3.11 -8.24
CA LYS A 31 -10.64 -3.88 -8.60
C LYS A 31 -11.56 -3.06 -9.51
N GLN A 32 -12.37 -3.76 -10.30
CA GLN A 32 -13.30 -3.10 -11.21
C GLN A 32 -14.72 -3.61 -11.00
N ASN A 33 -15.65 -3.10 -11.81
CA ASN A 33 -17.05 -3.49 -11.70
C ASN A 33 -17.62 -3.16 -10.33
N GLY A 1 -6.35 -7.94 -11.66
CA GLY A 1 -5.14 -7.93 -10.82
C GLY A 1 -4.14 -6.86 -11.23
N ALA A 2 -3.63 -6.11 -10.25
CA ALA A 2 -2.68 -5.05 -10.53
C ALA A 2 -1.69 -4.90 -9.38
N ASP A 3 -2.18 -4.40 -8.24
CA ASP A 3 -1.35 -4.20 -7.07
C ASP A 3 -0.28 -3.16 -7.34
N TYR A 4 -0.50 -1.95 -6.84
CA TYR A 4 0.44 -0.86 -7.04
C TYR A 4 0.69 -0.10 -5.75
N SER A 5 -0.38 0.29 -5.09
CA SER A 5 -0.27 1.02 -3.84
C SER A 5 0.10 0.08 -2.71
N ALA A 6 0.60 -1.08 -3.07
CA ALA A 6 1.03 -2.07 -2.10
C ALA A 6 2.53 -2.04 -2.02
N GLN A 7 3.17 -2.02 -3.19
CA GLN A 7 4.62 -1.96 -3.24
C GLN A 7 5.07 -0.69 -2.54
N TRP A 8 4.28 0.37 -2.72
CA TRP A 8 4.54 1.65 -2.12
C TRP A 8 4.18 1.62 -0.65
N ALA A 9 3.19 0.80 -0.30
CA ALA A 9 2.77 0.66 1.08
C ALA A 9 3.72 -0.29 1.82
N GLU A 10 4.65 -0.88 1.06
CA GLU A 10 5.60 -1.81 1.63
C GLU A 10 6.77 -1.10 2.30
N TYR A 11 7.22 0.00 1.70
CA TYR A 11 8.34 0.74 2.28
C TYR A 11 7.95 1.37 3.60
N TYR A 12 6.65 1.65 3.77
CA TYR A 12 6.16 2.24 5.01
C TYR A 12 6.31 1.25 6.15
N ARG A 13 6.07 -0.02 5.85
CA ARG A 13 6.18 -1.09 6.85
C ARG A 13 7.61 -1.24 7.37
N SER A 14 8.57 -0.59 6.71
CA SER A 14 9.96 -0.68 7.12
C SER A 14 10.44 0.60 7.81
N VAL A 15 9.82 1.72 7.47
CA VAL A 15 10.18 2.99 8.05
C VAL A 15 9.27 3.32 9.23
N GLY A 16 8.87 2.29 9.95
CA GLY A 16 7.97 2.47 11.08
C GLY A 16 6.70 3.16 10.66
N LYS A 17 6.32 2.96 9.41
CA LYS A 17 5.11 3.57 8.88
C LYS A 17 4.10 2.52 8.48
N ILE A 18 4.28 1.31 8.99
CA ILE A 18 3.37 0.20 8.71
C ILE A 18 1.93 0.62 8.93
N GLU A 19 1.73 1.55 9.86
CA GLU A 19 0.39 2.05 10.15
C GLU A 19 -0.07 2.97 9.04
N GLU A 20 0.70 4.02 8.79
CA GLU A 20 0.37 4.97 7.74
C GLU A 20 0.33 4.26 6.39
N ALA A 21 1.03 3.13 6.30
CA ALA A 21 1.05 2.36 5.08
C ALA A 21 -0.34 1.88 4.73
N GLU A 22 -1.08 1.45 5.75
CA GLU A 22 -2.45 0.97 5.55
C GLU A 22 -3.23 1.93 4.66
N ALA A 23 -2.93 3.22 4.76
CA ALA A 23 -3.59 4.23 3.95
C ALA A 23 -3.25 4.02 2.48
N ILE A 24 -2.00 4.27 2.14
CA ILE A 24 -1.54 4.11 0.77
C ILE A 24 -1.75 2.67 0.31
N GLU A 25 -1.91 1.75 1.26
CA GLU A 25 -2.13 0.35 0.93
C GLU A 25 -3.54 0.16 0.39
N LYS A 26 -4.47 1.00 0.85
CA LYS A 26 -5.85 0.92 0.40
C LYS A 26 -5.97 1.20 -1.09
N THR A 27 -5.01 1.92 -1.65
CA THR A 27 -5.03 2.22 -3.07
C THR A 27 -4.60 1.01 -3.89
N LEU A 28 -4.00 0.03 -3.23
CA LEU A 28 -3.54 -1.18 -3.90
C LEU A 28 -4.72 -2.11 -4.20
N LYS A 29 -5.80 -1.96 -3.43
CA LYS A 29 -6.99 -2.78 -3.62
C LYS A 29 -7.33 -2.95 -5.10
N ASN A 30 -7.01 -1.94 -5.89
CA ASN A 30 -7.27 -1.96 -7.33
C ASN A 30 -8.69 -2.44 -7.63
N LYS A 31 -9.65 -1.51 -7.56
CA LYS A 31 -11.04 -1.84 -7.83
C LYS A 31 -11.86 -0.58 -8.08
N GLN A 32 -12.04 0.21 -7.03
CA GLN A 32 -12.82 1.45 -7.14
C GLN A 32 -11.89 2.67 -7.09
N ASN A 33 -12.40 3.81 -7.52
CA ASN A 33 -11.62 5.05 -7.52
C ASN A 33 -11.88 5.85 -6.26
N GLY A 1 -5.35 -4.12 -14.21
CA GLY A 1 -5.82 -2.97 -13.39
C GLY A 1 -4.79 -1.87 -13.30
N ALA A 2 -4.03 -1.85 -12.21
CA ALA A 2 -3.01 -0.84 -11.99
C ALA A 2 -1.85 -1.40 -11.19
N ASP A 3 -2.14 -1.82 -9.97
CA ASP A 3 -1.13 -2.39 -9.08
C ASP A 3 -0.07 -1.33 -8.76
N TYR A 4 -0.17 -0.76 -7.57
CA TYR A 4 0.77 0.26 -7.13
C TYR A 4 0.47 0.68 -5.69
N SER A 5 0.05 -0.28 -4.89
CA SER A 5 -0.25 -0.02 -3.49
C SER A 5 0.48 -0.99 -2.59
N ALA A 6 1.50 -1.61 -3.16
CA ALA A 6 2.32 -2.55 -2.45
C ALA A 6 3.74 -2.03 -2.39
N GLN A 7 4.15 -1.36 -3.47
CA GLN A 7 5.49 -0.82 -3.52
C GLN A 7 5.61 0.44 -2.68
N TRP A 8 4.49 1.00 -2.24
CA TRP A 8 4.52 2.19 -1.40
C TRP A 8 4.17 1.79 0.03
N ALA A 9 3.31 0.79 0.14
CA ALA A 9 2.90 0.27 1.44
C ALA A 9 3.97 -0.65 2.01
N GLU A 10 4.91 -1.08 1.16
CA GLU A 10 5.99 -1.96 1.61
C GLU A 10 7.07 -1.17 2.33
N TYR A 11 7.31 0.07 1.88
CA TYR A 11 8.31 0.92 2.49
C TYR A 11 7.86 1.37 3.87
N TYR A 12 6.61 1.83 3.95
CA TYR A 12 6.07 2.29 5.23
C TYR A 12 6.08 1.15 6.23
N ARG A 13 5.84 -0.06 5.75
CA ARG A 13 5.81 -1.24 6.59
C ARG A 13 7.19 -1.53 7.19
N SER A 14 8.22 -0.89 6.64
CA SER A 14 9.57 -1.10 7.14
C SER A 14 10.19 0.19 7.67
N VAL A 15 9.65 1.32 7.26
CA VAL A 15 10.16 2.61 7.72
C VAL A 15 9.37 3.10 8.93
N GLY A 16 8.89 2.14 9.74
CA GLY A 16 8.11 2.49 10.92
C GLY A 16 6.88 3.27 10.55
N LYS A 17 6.43 3.10 9.32
CA LYS A 17 5.23 3.78 8.85
C LYS A 17 4.15 2.76 8.51
N ILE A 18 4.30 1.56 9.05
CA ILE A 18 3.33 0.49 8.83
C ILE A 18 1.91 1.03 8.97
N GLU A 19 1.76 2.00 9.85
CA GLU A 19 0.45 2.62 10.08
C GLU A 19 0.03 3.41 8.86
N GLU A 20 0.84 4.41 8.48
CA GLU A 20 0.55 5.22 7.31
C GLU A 20 0.42 4.34 6.07
N ALA A 21 1.08 3.19 6.11
CA ALA A 21 1.04 2.24 5.00
C ALA A 21 -0.41 1.82 4.75
N GLU A 22 -1.16 1.63 5.83
CA GLU A 22 -2.55 1.22 5.72
C GLU A 22 -3.29 2.09 4.70
N ALA A 23 -2.86 3.35 4.60
CA ALA A 23 -3.45 4.28 3.66
C ALA A 23 -3.19 3.83 2.23
N ILE A 24 -1.93 3.91 1.83
CA ILE A 24 -1.54 3.50 0.50
C ILE A 24 -1.93 2.04 0.28
N GLU A 25 -2.07 1.29 1.36
CA GLU A 25 -2.48 -0.11 1.26
C GLU A 25 -3.89 -0.18 0.70
N LYS A 26 -4.68 0.85 0.97
CA LYS A 26 -6.05 0.92 0.48
C LYS A 26 -6.08 1.11 -1.02
N THR A 27 -4.96 1.52 -1.61
CA THR A 27 -4.91 1.68 -3.05
C THR A 27 -4.88 0.31 -3.71
N LEU A 28 -4.48 -0.70 -2.93
CA LEU A 28 -4.42 -2.07 -3.43
C LEU A 28 -5.78 -2.46 -3.99
N LYS A 29 -6.84 -1.86 -3.43
CA LYS A 29 -8.19 -2.14 -3.89
C LYS A 29 -8.49 -1.40 -5.20
N ASN A 30 -7.46 -0.79 -5.80
CA ASN A 30 -7.61 -0.05 -7.05
C ASN A 30 -8.43 -0.85 -8.07
N LYS A 31 -8.36 -2.17 -7.98
CA LYS A 31 -9.09 -3.04 -8.88
C LYS A 31 -10.59 -2.77 -8.81
N GLN A 32 -11.10 -2.04 -9.80
CA GLN A 32 -12.51 -1.70 -9.85
C GLN A 32 -12.92 -0.87 -8.65
N ASN A 33 -13.03 0.45 -8.84
CA ASN A 33 -13.41 1.35 -7.76
C ASN A 33 -14.91 1.26 -7.48
N GLY A 1 -0.32 -9.95 -9.00
CA GLY A 1 -0.85 -9.26 -10.21
C GLY A 1 -1.38 -7.87 -9.90
N ALA A 2 -0.74 -6.87 -10.46
CA ALA A 2 -1.14 -5.48 -10.24
C ALA A 2 -0.98 -5.10 -8.77
N ASP A 3 0.09 -4.36 -8.48
CA ASP A 3 0.37 -3.93 -7.12
C ASP A 3 1.14 -2.61 -7.15
N TYR A 4 0.41 -1.51 -7.09
CA TYR A 4 1.01 -0.18 -7.11
C TYR A 4 1.01 0.43 -5.73
N SER A 5 -0.13 0.33 -5.06
CA SER A 5 -0.26 0.88 -3.73
C SER A 5 0.23 -0.14 -2.70
N ALA A 6 1.10 -1.03 -3.17
CA ALA A 6 1.68 -2.05 -2.34
C ALA A 6 3.17 -1.78 -2.19
N GLN A 7 3.78 -1.31 -3.28
CA GLN A 7 5.19 -1.01 -3.26
C GLN A 7 5.47 0.16 -2.33
N TRP A 8 4.48 1.03 -2.13
CA TRP A 8 4.63 2.16 -1.24
C TRP A 8 4.20 1.76 0.15
N ALA A 9 3.18 0.92 0.20
CA ALA A 9 2.66 0.43 1.46
C ALA A 9 3.53 -0.72 1.97
N GLU A 10 4.54 -1.11 1.19
CA GLU A 10 5.43 -2.18 1.57
C GLU A 10 6.67 -1.64 2.26
N TYR A 11 7.22 -0.57 1.71
CA TYR A 11 8.41 0.03 2.30
C TYR A 11 8.04 0.84 3.55
N TYR A 12 6.74 1.13 3.69
CA TYR A 12 6.26 1.86 4.86
C TYR A 12 6.28 0.95 6.07
N ARG A 13 6.10 -0.35 5.84
CA ARG A 13 6.08 -1.33 6.91
C ARG A 13 7.47 -1.52 7.51
N SER A 14 8.49 -0.93 6.88
CA SER A 14 9.85 -1.07 7.38
C SER A 14 10.52 0.29 7.57
N VAL A 15 9.72 1.35 7.56
CA VAL A 15 10.24 2.70 7.75
C VAL A 15 9.38 3.43 8.77
N GLY A 16 8.89 2.68 9.75
CA GLY A 16 8.05 3.26 10.77
C GLY A 16 6.79 3.85 10.19
N LYS A 17 6.37 3.33 9.04
CA LYS A 17 5.18 3.81 8.37
C LYS A 17 4.17 2.70 8.16
N ILE A 18 4.38 1.61 8.87
CA ILE A 18 3.48 0.45 8.78
C ILE A 18 2.03 0.88 8.97
N GLU A 19 1.82 1.87 9.84
CA GLU A 19 0.48 2.36 10.09
C GLU A 19 0.01 3.25 8.94
N GLU A 20 0.88 4.15 8.51
CA GLU A 20 0.56 5.05 7.40
C GLU A 20 0.42 4.25 6.11
N ALA A 21 1.09 3.09 6.04
CA ALA A 21 1.01 2.24 4.87
C ALA A 21 -0.42 1.75 4.67
N GLU A 22 -1.13 1.53 5.77
CA GLU A 22 -2.51 1.06 5.71
C GLU A 22 -3.33 1.95 4.78
N ALA A 23 -3.02 3.25 4.78
CA ALA A 23 -3.72 4.20 3.93
C ALA A 23 -3.49 3.89 2.48
N ILE A 24 -2.25 4.06 2.05
CA ILE A 24 -1.89 3.79 0.68
C ILE A 24 -2.18 2.33 0.35
N GLU A 25 -2.30 1.51 1.40
CA GLU A 25 -2.61 0.11 1.22
C GLU A 25 -4.00 -0.04 0.62
N LYS A 26 -4.90 0.87 0.99
CA LYS A 26 -6.27 0.83 0.49
C LYS A 26 -6.32 1.14 -0.99
N THR A 27 -5.25 1.73 -1.52
CA THR A 27 -5.21 2.02 -2.95
C THR A 27 -4.76 0.77 -3.68
N LEU A 28 -4.28 -0.21 -2.91
CA LEU A 28 -3.83 -1.48 -3.46
C LEU A 28 -4.99 -2.24 -4.07
N LYS A 29 -6.19 -2.04 -3.52
CA LYS A 29 -7.38 -2.70 -4.02
C LYS A 29 -7.55 -2.44 -5.52
N ASN A 30 -6.81 -3.19 -6.33
CA ASN A 30 -6.86 -3.03 -7.78
C ASN A 30 -7.81 -4.05 -8.42
N LYS A 31 -8.75 -4.56 -7.62
CA LYS A 31 -9.71 -5.54 -8.12
C LYS A 31 -11.13 -5.20 -7.66
N GLN A 32 -11.25 -4.72 -6.42
CA GLN A 32 -12.56 -4.36 -5.88
C GLN A 32 -12.61 -2.89 -5.49
N ASN A 33 -13.81 -2.38 -5.25
CA ASN A 33 -13.98 -0.98 -4.88
C ASN A 33 -14.40 -0.86 -3.42
N GLY A 1 1.07 -8.50 -11.67
CA GLY A 1 -0.03 -7.85 -12.44
C GLY A 1 0.16 -6.35 -12.56
N ALA A 2 0.40 -5.69 -11.43
CA ALA A 2 0.61 -4.24 -11.41
C ALA A 2 1.42 -3.82 -10.20
N ASP A 3 0.82 -3.95 -9.02
CA ASP A 3 1.49 -3.57 -7.78
C ASP A 3 1.87 -2.10 -7.78
N TYR A 4 1.03 -1.28 -7.15
CA TYR A 4 1.28 0.16 -7.08
C TYR A 4 1.13 0.66 -5.66
N SER A 5 -0.03 0.42 -5.07
CA SER A 5 -0.28 0.83 -3.70
C SER A 5 0.23 -0.23 -2.75
N ALA A 6 1.13 -1.05 -3.24
CA ALA A 6 1.75 -2.10 -2.47
C ALA A 6 3.22 -1.80 -2.31
N GLN A 7 3.82 -1.26 -3.37
CA GLN A 7 5.21 -0.94 -3.34
C GLN A 7 5.48 0.19 -2.34
N TRP A 8 4.46 1.02 -2.13
CA TRP A 8 4.58 2.11 -1.17
C TRP A 8 4.14 1.64 0.19
N ALA A 9 3.19 0.71 0.21
CA ALA A 9 2.69 0.16 1.45
C ALA A 9 3.63 -0.92 1.98
N GLU A 10 4.66 -1.28 1.19
CA GLU A 10 5.60 -2.30 1.61
C GLU A 10 6.82 -1.70 2.28
N TYR A 11 7.27 -0.55 1.77
CA TYR A 11 8.43 0.10 2.36
C TYR A 11 8.02 0.88 3.61
N TYR A 12 6.73 1.13 3.77
CA TYR A 12 6.23 1.83 4.93
C TYR A 12 6.27 0.91 6.15
N ARG A 13 6.13 -0.40 5.89
CA ARG A 13 6.16 -1.38 6.96
C ARG A 13 7.55 -1.50 7.58
N SER A 14 8.56 -0.89 6.94
CA SER A 14 9.92 -0.97 7.45
C SER A 14 10.46 0.39 7.86
N VAL A 15 9.91 1.46 7.32
CA VAL A 15 10.35 2.81 7.67
C VAL A 15 9.47 3.37 8.78
N GLY A 16 9.02 2.50 9.68
CA GLY A 16 8.18 2.92 10.77
C GLY A 16 6.95 3.65 10.27
N LYS A 17 6.50 3.28 9.07
CA LYS A 17 5.33 3.91 8.48
C LYS A 17 4.24 2.88 8.22
N ILE A 18 4.37 1.73 8.86
CA ILE A 18 3.40 0.66 8.72
C ILE A 18 1.97 1.18 8.93
N GLU A 19 1.85 2.22 9.76
CA GLU A 19 0.55 2.81 10.03
C GLU A 19 0.03 3.54 8.79
N GLU A 20 0.78 4.55 8.35
CA GLU A 20 0.38 5.31 7.17
C GLU A 20 0.27 4.38 5.96
N ALA A 21 0.98 3.25 6.02
CA ALA A 21 0.95 2.28 4.94
C ALA A 21 -0.47 1.73 4.80
N GLU A 22 -1.22 1.70 5.91
CA GLU A 22 -2.59 1.20 5.90
C GLU A 22 -3.39 1.89 4.80
N ALA A 23 -3.33 3.21 4.76
CA ALA A 23 -4.03 3.98 3.74
C ALA A 23 -3.61 3.51 2.36
N ILE A 24 -2.34 3.74 2.08
CA ILE A 24 -1.73 3.36 0.81
C ILE A 24 -2.03 1.90 0.49
N GLU A 25 -2.22 1.08 1.51
CA GLU A 25 -2.53 -0.33 1.31
C GLU A 25 -3.94 -0.51 0.78
N LYS A 26 -4.80 0.47 1.07
CA LYS A 26 -6.18 0.43 0.61
C LYS A 26 -6.28 0.89 -0.84
N THR A 27 -5.24 1.53 -1.35
CA THR A 27 -5.24 1.98 -2.73
C THR A 27 -5.01 0.78 -3.63
N LEU A 28 -4.32 -0.23 -3.09
CA LEU A 28 -4.05 -1.46 -3.83
C LEU A 28 -5.35 -2.00 -4.42
N LYS A 29 -6.45 -1.74 -3.74
CA LYS A 29 -7.76 -2.20 -4.20
C LYS A 29 -8.19 -1.47 -5.47
N ASN A 30 -7.43 -0.46 -5.89
CA ASN A 30 -7.74 0.31 -7.09
C ASN A 30 -8.09 -0.62 -8.26
N LYS A 31 -7.51 -1.81 -8.26
CA LYS A 31 -7.76 -2.78 -9.31
C LYS A 31 -8.00 -4.18 -8.73
N GLN A 32 -8.51 -5.08 -9.56
CA GLN A 32 -8.79 -6.44 -9.13
C GLN A 32 -7.52 -7.30 -9.17
N ASN A 33 -7.36 -8.16 -8.17
CA ASN A 33 -6.20 -9.03 -8.10
C ASN A 33 -6.60 -10.45 -7.69
N GLY A 1 -2.67 -10.08 -11.79
CA GLY A 1 -3.08 -9.14 -10.71
C GLY A 1 -2.52 -7.74 -10.91
N ALA A 2 -2.34 -7.01 -9.81
CA ALA A 2 -1.82 -5.66 -9.87
C ALA A 2 -1.82 -5.01 -8.48
N ASP A 3 -0.65 -4.91 -7.88
CA ASP A 3 -0.51 -4.31 -6.57
C ASP A 3 0.45 -3.13 -6.61
N TYR A 4 -0.07 -2.01 -7.09
CA TYR A 4 0.70 -0.78 -7.22
C TYR A 4 0.85 -0.06 -5.89
N SER A 5 -0.26 0.07 -5.19
CA SER A 5 -0.24 0.74 -3.89
C SER A 5 0.26 -0.20 -2.81
N ALA A 6 1.01 -1.21 -3.23
CA ALA A 6 1.59 -2.16 -2.32
C ALA A 6 3.09 -1.96 -2.28
N GLN A 7 3.67 -1.78 -3.46
CA GLN A 7 5.10 -1.55 -3.54
C GLN A 7 5.43 -0.26 -2.80
N TRP A 8 4.44 0.63 -2.75
CA TRP A 8 4.59 1.90 -2.07
C TRP A 8 4.13 1.77 -0.62
N ALA A 9 3.30 0.78 -0.36
CA ALA A 9 2.82 0.54 0.99
C ALA A 9 3.79 -0.41 1.71
N GLU A 10 4.77 -0.92 0.97
CA GLU A 10 5.74 -1.84 1.52
C GLU A 10 6.87 -1.11 2.25
N TYR A 11 7.26 0.05 1.74
CA TYR A 11 8.35 0.80 2.38
C TYR A 11 7.86 1.39 3.70
N TYR A 12 6.58 1.70 3.79
CA TYR A 12 6.01 2.25 5.00
C TYR A 12 6.12 1.23 6.14
N ARG A 13 5.99 -0.04 5.77
CA ARG A 13 6.07 -1.12 6.74
C ARG A 13 7.50 -1.34 7.25
N SER A 14 8.45 -0.57 6.73
CA SER A 14 9.85 -0.72 7.14
C SER A 14 10.37 0.52 7.84
N VAL A 15 9.81 1.68 7.52
CA VAL A 15 10.23 2.93 8.15
C VAL A 15 9.30 3.29 9.29
N GLY A 16 8.82 2.28 10.01
CA GLY A 16 7.93 2.51 11.12
C GLY A 16 6.64 3.16 10.69
N LYS A 17 6.27 2.95 9.44
CA LYS A 17 5.03 3.51 8.91
C LYS A 17 4.04 2.43 8.57
N ILE A 18 4.23 1.26 9.18
CA ILE A 18 3.34 0.12 8.96
C ILE A 18 1.89 0.56 9.10
N GLU A 19 1.66 1.53 9.96
CA GLU A 19 0.31 2.04 10.18
C GLU A 19 -0.07 3.03 9.09
N GLU A 20 0.90 3.86 8.69
CA GLU A 20 0.66 4.83 7.63
C GLU A 20 0.53 4.13 6.29
N ALA A 21 1.13 2.96 6.17
CA ALA A 21 1.06 2.19 4.93
C ALA A 21 -0.38 1.79 4.65
N GLU A 22 -1.15 1.54 5.72
CA GLU A 22 -2.54 1.15 5.58
C GLU A 22 -3.28 2.15 4.68
N ALA A 23 -2.84 3.40 4.72
CA ALA A 23 -3.45 4.44 3.89
C ALA A 23 -3.21 4.15 2.42
N ILE A 24 -1.96 4.30 2.01
CA ILE A 24 -1.58 4.03 0.63
C ILE A 24 -1.94 2.61 0.26
N GLU A 25 -2.07 1.74 1.27
CA GLU A 25 -2.44 0.35 1.02
C GLU A 25 -3.88 0.29 0.52
N LYS A 26 -4.67 1.32 0.87
CA LYS A 26 -6.06 1.38 0.45
C LYS A 26 -6.18 1.56 -1.06
N THR A 27 -5.09 1.98 -1.70
CA THR A 27 -5.12 2.13 -3.16
C THR A 27 -4.68 0.81 -3.78
N LEU A 28 -4.34 -0.14 -2.91
CA LEU A 28 -3.90 -1.46 -3.33
C LEU A 28 -5.08 -2.33 -3.71
N LYS A 29 -6.23 -2.08 -3.08
CA LYS A 29 -7.46 -2.84 -3.36
C LYS A 29 -7.56 -3.19 -4.84
N ASN A 30 -7.28 -2.20 -5.68
CA ASN A 30 -7.34 -2.38 -7.14
C ASN A 30 -8.50 -3.27 -7.57
N LYS A 31 -9.70 -2.93 -7.09
CA LYS A 31 -10.89 -3.71 -7.43
C LYS A 31 -12.14 -3.08 -6.81
N GLN A 32 -13.30 -3.61 -7.20
CA GLN A 32 -14.58 -3.11 -6.69
C GLN A 32 -15.67 -4.16 -6.83
N ASN A 33 -16.37 -4.42 -5.72
CA ASN A 33 -17.44 -5.41 -5.73
C ASN A 33 -16.90 -6.79 -6.07
N GLY A 1 -2.00 -8.64 -11.19
CA GLY A 1 -3.43 -8.34 -10.92
C GLY A 1 -3.64 -6.96 -10.34
N ALA A 2 -2.87 -5.99 -10.83
CA ALA A 2 -2.96 -4.62 -10.36
C ALA A 2 -2.49 -4.51 -8.92
N ASP A 3 -1.28 -3.99 -8.74
CA ASP A 3 -0.70 -3.82 -7.41
C ASP A 3 0.32 -2.69 -7.43
N TYR A 4 -0.13 -1.49 -7.11
CA TYR A 4 0.75 -0.31 -7.09
C TYR A 4 0.90 0.24 -5.69
N SER A 5 -0.20 0.38 -4.99
CA SER A 5 -0.16 0.89 -3.63
C SER A 5 0.26 -0.21 -2.66
N ALA A 6 0.95 -1.21 -3.18
CA ALA A 6 1.45 -2.30 -2.38
C ALA A 6 2.95 -2.20 -2.29
N GLN A 7 3.57 -1.92 -3.43
CA GLN A 7 5.01 -1.78 -3.45
C GLN A 7 5.39 -0.58 -2.60
N TRP A 8 4.52 0.44 -2.64
CA TRP A 8 4.71 1.64 -1.86
C TRP A 8 4.31 1.38 -0.41
N ALA A 9 3.30 0.55 -0.23
CA ALA A 9 2.83 0.21 1.11
C ALA A 9 3.85 -0.70 1.80
N GLU A 10 4.79 -1.24 1.04
CA GLU A 10 5.81 -2.14 1.58
C GLU A 10 6.89 -1.35 2.32
N TYR A 11 7.26 -0.20 1.79
CA TYR A 11 8.28 0.64 2.41
C TYR A 11 7.81 1.14 3.76
N TYR A 12 6.56 1.55 3.83
CA TYR A 12 6.00 2.05 5.07
C TYR A 12 6.12 1.01 6.18
N ARG A 13 6.12 -0.26 5.79
CA ARG A 13 6.22 -1.35 6.75
C ARG A 13 7.63 -1.43 7.34
N SER A 14 8.56 -0.66 6.79
CA SER A 14 9.93 -0.68 7.28
C SER A 14 10.40 0.69 7.75
N VAL A 15 9.79 1.75 7.24
CA VAL A 15 10.16 3.10 7.64
C VAL A 15 9.30 3.58 8.81
N GLY A 16 8.88 2.64 9.66
CA GLY A 16 8.06 2.99 10.79
C GLY A 16 6.76 3.62 10.38
N LYS A 17 6.29 3.25 9.20
CA LYS A 17 5.04 3.79 8.69
C LYS A 17 4.04 2.67 8.45
N ILE A 18 4.30 1.52 9.06
CA ILE A 18 3.41 0.36 8.94
C ILE A 18 1.97 0.77 9.12
N GLU A 19 1.75 1.77 9.97
CA GLU A 19 0.40 2.26 10.23
C GLU A 19 -0.07 3.14 9.08
N GLU A 20 0.78 4.08 8.68
CA GLU A 20 0.45 4.97 7.58
C GLU A 20 0.32 4.18 6.28
N ALA A 21 0.99 3.02 6.22
CA ALA A 21 0.94 2.17 5.05
C ALA A 21 -0.49 1.69 4.79
N GLU A 22 -1.20 1.39 5.88
CA GLU A 22 -2.59 0.93 5.75
C GLU A 22 -3.39 1.87 4.87
N ALA A 23 -3.03 3.15 4.92
CA ALA A 23 -3.71 4.16 4.11
C ALA A 23 -3.46 3.91 2.64
N ILE A 24 -2.23 4.13 2.24
CA ILE A 24 -1.84 3.92 0.86
C ILE A 24 -2.13 2.50 0.46
N GLU A 25 -2.17 1.61 1.46
CA GLU A 25 -2.44 0.23 1.20
C GLU A 25 -3.85 0.08 0.63
N LYS A 26 -4.72 1.05 0.95
CA LYS A 26 -6.09 1.03 0.45
C LYS A 26 -6.16 1.41 -1.02
N THR A 27 -5.02 1.82 -1.59
CA THR A 27 -5.00 2.16 -3.01
C THR A 27 -4.59 0.93 -3.81
N LEU A 28 -4.06 -0.06 -3.09
CA LEU A 28 -3.64 -1.31 -3.70
C LEU A 28 -4.85 -2.04 -4.25
N LYS A 29 -6.00 -1.86 -3.59
CA LYS A 29 -7.24 -2.49 -4.03
C LYS A 29 -7.69 -1.92 -5.38
N ASN A 30 -6.91 -2.18 -6.42
CA ASN A 30 -7.22 -1.67 -7.75
C ASN A 30 -8.61 -2.15 -8.21
N LYS A 31 -9.41 -1.20 -8.65
CA LYS A 31 -10.77 -1.51 -9.11
C LYS A 31 -10.97 -1.05 -10.55
N GLN A 32 -11.00 0.27 -10.75
CA GLN A 32 -11.18 0.83 -12.08
C GLN A 32 -12.53 0.42 -12.67
N ASN A 33 -13.52 1.29 -12.53
CA ASN A 33 -14.85 1.02 -13.05
C ASN A 33 -14.99 1.50 -14.49
N GLY A 1 -2.98 -8.28 -11.75
CA GLY A 1 -3.35 -6.87 -11.44
C GLY A 1 -2.20 -5.90 -11.65
N ALA A 2 -2.45 -4.63 -11.39
CA ALA A 2 -1.43 -3.60 -11.54
C ALA A 2 -0.49 -3.58 -10.34
N ASP A 3 -1.06 -3.52 -9.15
CA ASP A 3 -0.29 -3.50 -7.93
C ASP A 3 0.62 -2.27 -7.88
N TYR A 4 0.16 -1.24 -7.16
CA TYR A 4 0.93 0.00 -7.05
C TYR A 4 0.99 0.47 -5.61
N SER A 5 -0.14 0.42 -4.94
CA SER A 5 -0.23 0.84 -3.55
C SER A 5 0.29 -0.25 -2.63
N ALA A 6 1.15 -1.10 -3.18
CA ALA A 6 1.75 -2.18 -2.43
C ALA A 6 3.23 -1.89 -2.26
N GLN A 7 3.83 -1.35 -3.30
CA GLN A 7 5.25 -1.04 -3.25
C GLN A 7 5.52 0.12 -2.29
N TRP A 8 4.48 0.91 -2.03
CA TRP A 8 4.61 2.03 -1.10
C TRP A 8 4.18 1.58 0.28
N ALA A 9 3.17 0.73 0.31
CA ALA A 9 2.67 0.20 1.55
C ALA A 9 3.59 -0.90 2.06
N GLU A 10 4.57 -1.29 1.24
CA GLU A 10 5.51 -2.34 1.62
C GLU A 10 6.72 -1.75 2.32
N TYR A 11 7.27 -0.69 1.75
CA TYR A 11 8.43 -0.04 2.35
C TYR A 11 8.00 0.75 3.58
N TYR A 12 6.71 1.10 3.65
CA TYR A 12 6.18 1.82 4.78
C TYR A 12 6.22 0.94 6.03
N ARG A 13 6.06 -0.36 5.81
CA ARG A 13 6.07 -1.32 6.90
C ARG A 13 7.48 -1.52 7.47
N SER A 14 8.47 -0.88 6.85
CA SER A 14 9.84 -1.01 7.32
C SER A 14 10.53 0.34 7.46
N VAL A 15 9.73 1.40 7.53
CA VAL A 15 10.25 2.74 7.69
C VAL A 15 9.42 3.51 8.72
N GLY A 16 8.92 2.78 9.70
CA GLY A 16 8.09 3.39 10.71
C GLY A 16 6.84 3.99 10.13
N LYS A 17 6.40 3.45 8.99
CA LYS A 17 5.21 3.94 8.33
C LYS A 17 4.20 2.82 8.12
N ILE A 18 4.39 1.74 8.86
CA ILE A 18 3.48 0.59 8.78
C ILE A 18 2.04 1.03 8.96
N GLU A 19 1.85 2.03 9.82
CA GLU A 19 0.51 2.54 10.09
C GLU A 19 0.02 3.36 8.90
N GLU A 20 0.84 4.28 8.43
CA GLU A 20 0.49 5.11 7.30
C GLU A 20 0.36 4.26 6.04
N ALA A 21 1.03 3.12 6.04
CA ALA A 21 0.97 2.20 4.91
C ALA A 21 -0.45 1.68 4.72
N GLU A 22 -1.13 1.42 5.83
CA GLU A 22 -2.50 0.92 5.77
C GLU A 22 -3.36 1.79 4.86
N ALA A 23 -3.06 3.09 4.86
CA ALA A 23 -3.79 4.03 4.04
C ALA A 23 -3.56 3.74 2.57
N ILE A 24 -2.34 3.96 2.13
CA ILE A 24 -1.97 3.71 0.75
C ILE A 24 -2.25 2.25 0.41
N GLU A 25 -2.29 1.41 1.45
CA GLU A 25 -2.57 0.01 1.25
C GLU A 25 -3.95 -0.17 0.65
N LYS A 26 -4.88 0.71 1.04
CA LYS A 26 -6.25 0.64 0.53
C LYS A 26 -6.34 1.12 -0.91
N THR A 27 -5.25 1.66 -1.44
CA THR A 27 -5.24 2.10 -2.83
C THR A 27 -4.85 0.93 -3.70
N LEU A 28 -4.20 -0.06 -3.07
CA LEU A 28 -3.75 -1.26 -3.76
C LEU A 28 -4.93 -1.99 -4.36
N LYS A 29 -6.10 -1.85 -3.74
CA LYS A 29 -7.31 -2.52 -4.25
C LYS A 29 -7.65 -2.01 -5.65
N ASN A 30 -6.82 -2.38 -6.62
CA ASN A 30 -7.01 -1.97 -8.00
C ASN A 30 -8.16 -2.73 -8.65
N LYS A 31 -9.22 -2.01 -9.01
CA LYS A 31 -10.39 -2.61 -9.63
C LYS A 31 -10.90 -1.75 -10.78
N GLN A 32 -10.52 -2.12 -12.00
CA GLN A 32 -10.94 -1.39 -13.19
C GLN A 32 -12.44 -1.54 -13.42
N ASN A 33 -13.13 -0.41 -13.53
CA ASN A 33 -14.57 -0.42 -13.76
C ASN A 33 -15.30 -1.15 -12.63
N GLY A 1 -3.87 -7.97 -12.05
CA GLY A 1 -2.40 -8.23 -12.10
C GLY A 1 -1.60 -6.95 -12.18
N ALA A 2 -1.86 -6.03 -11.25
CA ALA A 2 -1.14 -4.76 -11.21
C ALA A 2 -0.44 -4.56 -9.88
N ASP A 3 -1.18 -4.13 -8.87
CA ASP A 3 -0.63 -3.89 -7.54
C ASP A 3 0.40 -2.77 -7.58
N TYR A 4 -0.02 -1.59 -7.12
CA TYR A 4 0.86 -0.42 -7.11
C TYR A 4 0.97 0.16 -5.71
N SER A 5 -0.16 0.27 -5.04
CA SER A 5 -0.17 0.81 -3.70
C SER A 5 0.20 -0.25 -2.68
N ALA A 6 0.90 -1.26 -3.16
CA ALA A 6 1.37 -2.35 -2.31
C ALA A 6 2.87 -2.27 -2.20
N GLN A 7 3.52 -2.03 -3.34
CA GLN A 7 4.96 -1.91 -3.34
C GLN A 7 5.35 -0.70 -2.49
N TRP A 8 4.54 0.34 -2.61
CA TRP A 8 4.73 1.56 -1.86
C TRP A 8 4.32 1.33 -0.41
N ALA A 9 3.32 0.48 -0.22
CA ALA A 9 2.83 0.17 1.12
C ALA A 9 3.82 -0.76 1.84
N GLU A 10 4.81 -1.27 1.10
CA GLU A 10 5.79 -2.17 1.68
C GLU A 10 6.89 -1.38 2.39
N TYR A 11 7.27 -0.25 1.83
CA TYR A 11 8.30 0.59 2.42
C TYR A 11 7.84 1.14 3.77
N TYR A 12 6.58 1.53 3.84
CA TYR A 12 6.02 2.07 5.07
C TYR A 12 6.17 1.06 6.21
N ARG A 13 6.18 -0.22 5.87
CA ARG A 13 6.32 -1.28 6.86
C ARG A 13 7.75 -1.34 7.39
N SER A 14 8.66 -0.57 6.79
CA SER A 14 10.05 -0.59 7.23
C SER A 14 10.62 0.82 7.38
N VAL A 15 9.73 1.78 7.60
CA VAL A 15 10.15 3.16 7.79
C VAL A 15 9.30 3.82 8.87
N GLY A 16 8.84 3.00 9.81
CA GLY A 16 8.01 3.49 10.88
C GLY A 16 6.67 4.01 10.37
N LYS A 17 6.24 3.46 9.25
CA LYS A 17 4.97 3.87 8.67
C LYS A 17 4.07 2.67 8.43
N ILE A 18 4.41 1.56 9.07
CA ILE A 18 3.63 0.34 8.94
C ILE A 18 2.16 0.63 9.15
N GLU A 19 1.87 1.65 9.97
CA GLU A 19 0.49 2.04 10.22
C GLU A 19 -0.01 2.97 9.13
N GLU A 20 0.88 3.82 8.65
CA GLU A 20 0.54 4.75 7.58
C GLU A 20 0.38 3.99 6.27
N ALA A 21 1.04 2.85 6.16
CA ALA A 21 0.96 2.03 4.96
C ALA A 21 -0.47 1.55 4.74
N GLU A 22 -1.18 1.31 5.84
CA GLU A 22 -2.56 0.84 5.75
C GLU A 22 -3.38 1.78 4.86
N ALA A 23 -3.05 3.07 4.91
CA ALA A 23 -3.74 4.07 4.10
C ALA A 23 -3.48 3.83 2.64
N ILE A 24 -2.24 4.03 2.24
CA ILE A 24 -1.84 3.82 0.87
C ILE A 24 -2.13 2.39 0.46
N GLU A 25 -2.22 1.52 1.46
CA GLU A 25 -2.51 0.13 1.21
C GLU A 25 -3.90 0.02 0.62
N LYS A 26 -4.74 1.01 0.92
CA LYS A 26 -6.11 1.03 0.42
C LYS A 26 -6.16 1.47 -1.04
N THR A 27 -5.04 1.94 -1.57
CA THR A 27 -5.00 2.34 -2.96
C THR A 27 -4.68 1.11 -3.80
N LEU A 28 -4.21 0.06 -3.11
CA LEU A 28 -3.87 -1.20 -3.75
C LEU A 28 -5.10 -1.81 -4.40
N LYS A 29 -6.27 -1.57 -3.80
CA LYS A 29 -7.52 -2.08 -4.34
C LYS A 29 -7.78 -1.51 -5.74
N ASN A 30 -7.00 -2.00 -6.71
CA ASN A 30 -7.14 -1.54 -8.09
C ASN A 30 -8.50 -1.91 -8.67
N LYS A 31 -8.75 -3.22 -8.76
CA LYS A 31 -10.02 -3.70 -9.30
C LYS A 31 -11.13 -3.58 -8.26
N GLN A 32 -12.20 -2.87 -8.62
CA GLN A 32 -13.33 -2.69 -7.72
C GLN A 32 -14.65 -3.05 -8.41
N ASN A 33 -15.63 -3.45 -7.62
CA ASN A 33 -16.93 -3.82 -8.15
C ASN A 33 -18.03 -2.91 -7.60
N GLY A 1 -6.39 -5.65 -10.04
CA GLY A 1 -6.17 -5.67 -11.52
C GLY A 1 -4.74 -5.35 -11.89
N ALA A 2 -4.08 -4.52 -11.08
CA ALA A 2 -2.70 -4.13 -11.34
C ALA A 2 -1.90 -4.09 -10.04
N ASP A 3 -2.46 -3.43 -9.04
CA ASP A 3 -1.80 -3.30 -7.74
C ASP A 3 -0.51 -2.52 -7.87
N TYR A 4 -0.56 -1.28 -7.40
CA TYR A 4 0.58 -0.38 -7.45
C TYR A 4 0.75 0.37 -6.15
N SER A 5 -0.24 0.29 -5.28
CA SER A 5 -0.16 0.94 -3.99
C SER A 5 0.27 -0.06 -2.93
N ALA A 6 1.00 -1.07 -3.38
CA ALA A 6 1.51 -2.09 -2.51
C ALA A 6 3.00 -1.94 -2.40
N GLN A 7 3.62 -1.50 -3.50
CA GLN A 7 5.06 -1.32 -3.51
C GLN A 7 5.47 -0.22 -2.55
N TRP A 8 4.66 0.84 -2.48
CA TRP A 8 4.98 1.94 -1.57
C TRP A 8 4.54 1.57 -0.17
N ALA A 9 3.41 0.88 -0.08
CA ALA A 9 2.89 0.43 1.19
C ALA A 9 3.86 -0.54 1.84
N GLU A 10 4.76 -1.12 1.04
CA GLU A 10 5.75 -2.06 1.56
C GLU A 10 6.85 -1.34 2.33
N TYR A 11 7.22 -0.15 1.87
CA TYR A 11 8.26 0.63 2.52
C TYR A 11 7.81 1.09 3.89
N TYR A 12 6.57 1.52 3.98
CA TYR A 12 6.02 1.99 5.24
C TYR A 12 6.10 0.91 6.31
N ARG A 13 6.03 -0.35 5.88
CA ARG A 13 6.11 -1.46 6.81
C ARG A 13 7.50 -1.59 7.41
N SER A 14 8.48 -0.88 6.84
CA SER A 14 9.84 -0.95 7.33
C SER A 14 10.36 0.41 7.78
N VAL A 15 9.81 1.48 7.23
CA VAL A 15 10.23 2.81 7.61
C VAL A 15 9.39 3.34 8.77
N GLY A 16 8.93 2.42 9.63
CA GLY A 16 8.11 2.81 10.77
C GLY A 16 6.87 3.54 10.35
N LYS A 17 6.30 3.13 9.24
CA LYS A 17 5.08 3.75 8.74
C LYS A 17 4.01 2.72 8.45
N ILE A 18 4.21 1.52 8.99
CA ILE A 18 3.26 0.43 8.82
C ILE A 18 1.84 0.91 9.07
N GLU A 19 1.71 1.91 9.94
CA GLU A 19 0.39 2.46 10.24
C GLU A 19 -0.10 3.31 9.07
N GLU A 20 0.65 4.35 8.74
CA GLU A 20 0.27 5.20 7.61
C GLU A 20 0.21 4.37 6.34
N ALA A 21 0.91 3.23 6.34
CA ALA A 21 0.91 2.34 5.20
C ALA A 21 -0.51 1.88 4.89
N GLU A 22 -1.30 1.66 5.95
CA GLU A 22 -2.68 1.23 5.78
C GLU A 22 -3.39 2.08 4.72
N ALA A 23 -3.07 3.36 4.70
CA ALA A 23 -3.67 4.26 3.73
C ALA A 23 -3.26 3.86 2.32
N ILE A 24 -1.98 4.07 2.03
CA ILE A 24 -1.42 3.73 0.74
C ILE A 24 -1.68 2.26 0.42
N GLU A 25 -1.88 1.45 1.46
CA GLU A 25 -2.16 0.04 1.29
C GLU A 25 -3.60 -0.20 0.84
N LYS A 26 -4.45 0.83 0.98
CA LYS A 26 -5.84 0.72 0.57
C LYS A 26 -5.99 0.92 -0.93
N THR A 27 -5.02 1.58 -1.54
CA THR A 27 -5.08 1.78 -2.98
C THR A 27 -4.77 0.47 -3.68
N LEU A 28 -4.17 -0.47 -2.93
CA LEU A 28 -3.86 -1.79 -3.46
C LEU A 28 -5.12 -2.36 -4.11
N LYS A 29 -6.25 -2.09 -3.48
CA LYS A 29 -7.54 -2.56 -4.00
C LYS A 29 -8.01 -1.62 -5.12
N ASN A 30 -7.12 -1.34 -6.06
CA ASN A 30 -7.43 -0.46 -7.18
C ASN A 30 -8.63 -0.96 -7.97
N LYS A 31 -9.61 -0.09 -8.16
CA LYS A 31 -10.82 -0.46 -8.91
C LYS A 31 -11.42 0.78 -9.59
N GLN A 32 -11.53 1.87 -8.84
CA GLN A 32 -12.09 3.10 -9.38
C GLN A 32 -11.03 3.90 -10.14
N ASN A 33 -9.84 4.00 -9.55
CA ASN A 33 -8.74 4.74 -10.17
C ASN A 33 -8.29 4.04 -11.45
N GLY A 1 -5.02 -4.32 -9.00
CA GLY A 1 -4.77 -3.73 -10.34
C GLY A 1 -3.50 -4.27 -10.98
N ALA A 2 -2.40 -4.20 -10.25
CA ALA A 2 -1.12 -4.68 -10.75
C ALA A 2 -0.04 -4.61 -9.66
N ASP A 3 0.53 -3.42 -9.47
CA ASP A 3 1.56 -3.23 -8.46
C ASP A 3 1.90 -1.75 -8.31
N TYR A 4 1.31 -1.11 -7.31
CA TYR A 4 1.56 0.31 -7.05
C TYR A 4 1.34 0.64 -5.59
N SER A 5 0.18 0.24 -5.08
CA SER A 5 -0.14 0.50 -3.68
C SER A 5 0.44 -0.60 -2.81
N ALA A 6 1.44 -1.29 -3.34
CA ALA A 6 2.13 -2.34 -2.64
C ALA A 6 3.55 -1.91 -2.35
N GLN A 7 4.13 -1.18 -3.30
CA GLN A 7 5.49 -0.71 -3.13
C GLN A 7 5.58 0.31 -2.01
N TRP A 8 4.54 1.12 -1.86
CA TRP A 8 4.51 2.12 -0.80
C TRP A 8 4.05 1.48 0.50
N ALA A 9 3.05 0.61 0.38
CA ALA A 9 2.52 -0.10 1.52
C ALA A 9 3.51 -1.15 2.04
N GLU A 10 4.55 -1.44 1.24
CA GLU A 10 5.56 -2.41 1.65
C GLU A 10 6.74 -1.70 2.28
N TYR A 11 7.00 -0.47 1.83
CA TYR A 11 8.09 0.32 2.37
C TYR A 11 7.68 0.95 3.69
N TYR A 12 6.40 1.23 3.82
CA TYR A 12 5.87 1.84 5.03
C TYR A 12 6.01 0.87 6.20
N ARG A 13 5.86 -0.42 5.92
CA ARG A 13 5.96 -1.44 6.96
C ARG A 13 7.38 -1.55 7.49
N SER A 14 8.33 -0.94 6.80
CA SER A 14 9.74 -1.00 7.22
C SER A 14 10.34 0.39 7.41
N VAL A 15 9.75 1.40 6.78
CA VAL A 15 10.25 2.75 6.89
C VAL A 15 9.52 3.50 8.02
N GLY A 16 9.07 2.75 9.03
CA GLY A 16 8.36 3.34 10.15
C GLY A 16 7.09 4.02 9.73
N LYS A 17 6.40 3.42 8.78
CA LYS A 17 5.13 3.96 8.31
C LYS A 17 4.09 2.87 8.24
N ILE A 18 4.35 1.77 8.94
CA ILE A 18 3.43 0.65 8.97
C ILE A 18 2.01 1.13 9.23
N GLU A 19 1.88 2.23 9.95
CA GLU A 19 0.58 2.80 10.24
C GLU A 19 0.04 3.55 9.03
N GLU A 20 0.85 4.43 8.47
CA GLU A 20 0.46 5.18 7.29
C GLU A 20 0.30 4.23 6.11
N ALA A 21 0.90 3.04 6.24
CA ALA A 21 0.84 2.04 5.18
C ALA A 21 -0.60 1.57 4.99
N GLU A 22 -1.35 1.47 6.09
CA GLU A 22 -2.73 1.03 6.01
C GLU A 22 -3.50 1.85 4.99
N ALA A 23 -3.13 3.12 4.85
CA ALA A 23 -3.76 4.01 3.89
C ALA A 23 -3.45 3.55 2.48
N ILE A 24 -2.19 3.71 2.11
CA ILE A 24 -1.73 3.32 0.80
C ILE A 24 -2.09 1.87 0.52
N GLU A 25 -2.27 1.08 1.58
CA GLU A 25 -2.65 -0.31 1.43
C GLU A 25 -4.03 -0.41 0.79
N LYS A 26 -4.88 0.57 1.08
CA LYS A 26 -6.23 0.60 0.52
C LYS A 26 -6.20 0.99 -0.95
N THR A 27 -5.12 1.66 -1.37
CA THR A 27 -5.01 2.03 -2.77
C THR A 27 -4.76 0.78 -3.58
N LEU A 28 -4.27 -0.27 -2.91
CA LEU A 28 -4.01 -1.54 -3.57
C LEU A 28 -5.23 -1.96 -4.37
N LYS A 29 -6.42 -1.61 -3.85
CA LYS A 29 -7.67 -1.93 -4.53
C LYS A 29 -8.11 -0.79 -5.45
N ASN A 30 -7.14 -0.13 -6.09
CA ASN A 30 -7.45 0.98 -7.00
C ASN A 30 -7.93 0.45 -8.34
N LYS A 31 -7.89 1.30 -9.37
CA LYS A 31 -8.33 0.91 -10.70
C LYS A 31 -9.84 0.73 -10.75
N GLN A 32 -10.56 1.84 -10.90
CA GLN A 32 -12.01 1.81 -10.97
C GLN A 32 -12.52 2.41 -12.27
N ASN A 33 -11.91 3.52 -12.68
CA ASN A 33 -12.31 4.20 -13.92
C ASN A 33 -11.08 4.65 -14.69
N GLY A 1 -4.76 -7.81 -10.30
CA GLY A 1 -4.75 -6.37 -10.61
C GLY A 1 -3.40 -5.88 -11.10
N ALA A 2 -3.05 -4.65 -10.74
CA ALA A 2 -1.78 -4.07 -11.15
C ALA A 2 -0.82 -3.95 -9.97
N ASP A 3 -1.38 -3.75 -8.78
CA ASP A 3 -0.58 -3.62 -7.56
C ASP A 3 0.35 -2.42 -7.66
N TYR A 4 -0.05 -1.32 -7.04
CA TYR A 4 0.74 -0.09 -7.06
C TYR A 4 0.84 0.51 -5.67
N SER A 5 -0.29 0.64 -5.01
CA SER A 5 -0.32 1.19 -3.67
C SER A 5 0.09 0.13 -2.65
N ALA A 6 0.83 -0.87 -3.14
CA ALA A 6 1.33 -1.93 -2.30
C ALA A 6 2.82 -1.77 -2.14
N GLN A 7 3.47 -1.35 -3.22
CA GLN A 7 4.91 -1.17 -3.19
C GLN A 7 5.28 -0.01 -2.28
N TRP A 8 4.34 0.90 -2.03
CA TRP A 8 4.59 2.03 -1.14
C TRP A 8 4.15 1.65 0.26
N ALA A 9 3.10 0.86 0.34
CA ALA A 9 2.58 0.42 1.62
C ALA A 9 3.41 -0.74 2.16
N GLU A 10 4.35 -1.24 1.34
CA GLU A 10 5.19 -2.34 1.77
C GLU A 10 6.50 -1.85 2.36
N TYR A 11 7.08 -0.82 1.76
CA TYR A 11 8.32 -0.26 2.28
C TYR A 11 8.04 0.61 3.50
N TYR A 12 6.78 1.04 3.65
CA TYR A 12 6.39 1.84 4.79
C TYR A 12 6.45 0.99 6.06
N ARG A 13 6.14 -0.30 5.90
CA ARG A 13 6.16 -1.23 7.01
C ARG A 13 7.55 -1.35 7.63
N SER A 14 8.56 -0.86 6.92
CA SER A 14 9.94 -0.94 7.42
C SER A 14 10.48 0.42 7.85
N VAL A 15 9.92 1.48 7.28
CA VAL A 15 10.37 2.83 7.63
C VAL A 15 9.45 3.42 8.70
N GLY A 16 8.97 2.55 9.60
CA GLY A 16 8.09 3.00 10.65
C GLY A 16 6.85 3.67 10.11
N LYS A 17 6.43 3.24 8.92
CA LYS A 17 5.25 3.80 8.29
C LYS A 17 4.19 2.74 8.06
N ILE A 18 4.33 1.62 8.76
CA ILE A 18 3.37 0.52 8.65
C ILE A 18 1.95 1.03 8.82
N GLU A 19 1.77 1.94 9.77
CA GLU A 19 0.45 2.50 10.03
C GLU A 19 -0.03 3.32 8.84
N GLU A 20 0.75 4.33 8.47
CA GLU A 20 0.41 5.16 7.34
C GLU A 20 0.33 4.33 6.06
N ALA A 21 1.01 3.18 6.06
CA ALA A 21 0.99 2.29 4.92
C ALA A 21 -0.40 1.73 4.69
N GLU A 22 -1.09 1.38 5.77
CA GLU A 22 -2.43 0.83 5.67
C GLU A 22 -3.31 1.73 4.80
N ALA A 23 -3.06 3.03 4.88
CA ALA A 23 -3.82 3.99 4.10
C ALA A 23 -3.56 3.80 2.62
N ILE A 24 -2.33 4.08 2.23
CA ILE A 24 -1.92 3.94 0.85
C ILE A 24 -2.18 2.51 0.40
N GLU A 25 -2.20 1.58 1.35
CA GLU A 25 -2.46 0.18 1.06
C GLU A 25 -3.85 0.02 0.42
N LYS A 26 -4.81 0.80 0.89
CA LYS A 26 -6.17 0.72 0.37
C LYS A 26 -6.22 1.08 -1.12
N THR A 27 -5.20 1.76 -1.62
CA THR A 27 -5.17 2.12 -3.04
C THR A 27 -4.59 0.97 -3.86
N LEU A 28 -3.97 0.02 -3.17
CA LEU A 28 -3.36 -1.13 -3.83
C LEU A 28 -4.42 -2.17 -4.20
N LYS A 29 -5.56 -2.13 -3.51
CA LYS A 29 -6.64 -3.07 -3.79
C LYS A 29 -7.24 -2.81 -5.17
N ASN A 30 -6.45 -3.05 -6.21
CA ASN A 30 -6.89 -2.83 -7.58
C ASN A 30 -7.87 -3.92 -8.01
N LYS A 31 -7.36 -5.14 -8.13
CA LYS A 31 -8.19 -6.28 -8.55
C LYS A 31 -7.67 -7.58 -7.94
N GLN A 32 -8.59 -8.37 -7.39
CA GLN A 32 -8.22 -9.65 -6.78
C GLN A 32 -8.11 -10.74 -7.83
N ASN A 33 -7.27 -11.73 -7.56
CA ASN A 33 -7.08 -12.84 -8.48
C ASN A 33 -7.73 -14.12 -7.95
N GLY A 1 -5.96 -5.00 -13.70
CA GLY A 1 -5.20 -4.76 -12.44
C GLY A 1 -3.82 -4.19 -12.71
N ALA A 2 -3.40 -3.22 -11.90
CA ALA A 2 -2.10 -2.60 -12.05
C ALA A 2 -1.23 -2.85 -10.82
N ASP A 3 -1.78 -2.55 -9.65
CA ASP A 3 -1.07 -2.74 -8.39
C ASP A 3 0.08 -1.75 -8.28
N TYR A 4 -0.12 -0.76 -7.42
CA TYR A 4 0.88 0.28 -7.20
C TYR A 4 0.85 0.81 -5.78
N SER A 5 -0.16 0.45 -5.03
CA SER A 5 -0.26 0.88 -3.65
C SER A 5 0.24 -0.19 -2.71
N ALA A 6 1.14 -1.02 -3.25
CA ALA A 6 1.75 -2.09 -2.49
C ALA A 6 3.21 -1.79 -2.28
N GLN A 7 3.83 -1.19 -3.30
CA GLN A 7 5.24 -0.87 -3.21
C GLN A 7 5.45 0.23 -2.18
N TRP A 8 4.46 1.09 -2.02
CA TRP A 8 4.56 2.17 -1.05
C TRP A 8 4.09 1.67 0.31
N ALA A 9 3.11 0.78 0.28
CA ALA A 9 2.58 0.21 1.50
C ALA A 9 3.47 -0.94 1.98
N GLU A 10 4.50 -1.25 1.21
CA GLU A 10 5.42 -2.32 1.58
C GLU A 10 6.65 -1.76 2.27
N TYR A 11 7.18 -0.67 1.74
CA TYR A 11 8.35 -0.05 2.35
C TYR A 11 7.94 0.70 3.60
N TYR A 12 6.67 1.09 3.68
CA TYR A 12 6.15 1.78 4.85
C TYR A 12 6.18 0.86 6.06
N ARG A 13 6.05 -0.44 5.80
CA ARG A 13 6.07 -1.44 6.87
C ARG A 13 7.44 -1.58 7.50
N SER A 14 8.46 -0.96 6.89
CA SER A 14 9.81 -1.03 7.41
C SER A 14 10.37 0.33 7.80
N VAL A 15 9.81 1.39 7.22
CA VAL A 15 10.27 2.74 7.53
C VAL A 15 9.41 3.35 8.63
N GLY A 16 8.95 2.52 9.54
CA GLY A 16 8.10 2.98 10.62
C GLY A 16 6.85 3.66 10.11
N LYS A 17 6.40 3.23 8.95
CA LYS A 17 5.19 3.80 8.35
C LYS A 17 4.14 2.73 8.14
N ILE A 18 4.30 1.61 8.82
CA ILE A 18 3.35 0.51 8.72
C ILE A 18 1.93 0.99 8.95
N GLU A 19 1.78 2.00 9.79
CA GLU A 19 0.47 2.57 10.08
C GLU A 19 -0.01 3.39 8.90
N GLU A 20 0.80 4.36 8.49
CA GLU A 20 0.46 5.21 7.35
C GLU A 20 0.34 4.37 6.09
N ALA A 21 0.97 3.19 6.09
CA ALA A 21 0.91 2.29 4.96
C ALA A 21 -0.51 1.80 4.74
N GLU A 22 -1.25 1.61 5.84
CA GLU A 22 -2.63 1.15 5.75
C GLU A 22 -3.43 2.04 4.80
N ALA A 23 -3.08 3.32 4.78
CA ALA A 23 -3.76 4.27 3.90
C ALA A 23 -3.46 3.95 2.45
N ILE A 24 -2.21 4.17 2.06
CA ILE A 24 -1.79 3.89 0.71
C ILE A 24 -2.07 2.43 0.37
N GLU A 25 -2.16 1.58 1.40
CA GLU A 25 -2.44 0.18 1.20
C GLU A 25 -3.85 -0.02 0.66
N LYS A 26 -4.74 0.92 0.94
CA LYS A 26 -6.13 0.83 0.48
C LYS A 26 -6.21 1.00 -1.03
N THR A 27 -5.19 1.61 -1.64
CA THR A 27 -5.19 1.74 -3.08
C THR A 27 -4.67 0.45 -3.69
N LEU A 28 -4.05 -0.37 -2.84
CA LEU A 28 -3.53 -1.66 -3.26
C LEU A 28 -4.65 -2.46 -3.90
N LYS A 29 -5.85 -2.33 -3.34
CA LYS A 29 -7.01 -3.02 -3.87
C LYS A 29 -7.54 -2.27 -5.09
N ASN A 30 -6.65 -2.00 -6.04
CA ASN A 30 -7.01 -1.28 -7.26
C ASN A 30 -7.84 -2.16 -8.19
N LYS A 31 -9.09 -1.77 -8.41
CA LYS A 31 -9.99 -2.52 -9.29
C LYS A 31 -11.36 -1.85 -9.37
N GLN A 32 -12.10 -1.91 -8.26
CA GLN A 32 -13.44 -1.30 -8.21
C GLN A 32 -14.09 -1.55 -6.86
N ASN A 33 -13.85 -0.64 -5.92
CA ASN A 33 -14.42 -0.76 -4.58
C ASN A 33 -15.85 -0.24 -4.55
N GLY A 1 -6.72 -3.74 -13.82
CA GLY A 1 -6.23 -2.76 -12.82
C GLY A 1 -4.85 -2.23 -13.15
N ALA A 2 -4.15 -1.75 -12.13
CA ALA A 2 -2.81 -1.21 -12.33
C ALA A 2 -1.83 -1.78 -11.29
N ASP A 3 -2.26 -1.80 -10.04
CA ASP A 3 -1.44 -2.31 -8.96
C ASP A 3 -0.26 -1.39 -8.70
N TYR A 4 -0.34 -0.66 -7.59
CA TYR A 4 0.70 0.28 -7.21
C TYR A 4 0.50 0.78 -5.79
N SER A 5 -0.06 -0.08 -4.95
CA SER A 5 -0.30 0.27 -3.57
C SER A 5 0.34 -0.73 -2.64
N ALA A 6 1.30 -1.45 -3.18
CA ALA A 6 2.04 -2.43 -2.42
C ALA A 6 3.50 -2.03 -2.37
N GLN A 7 3.95 -1.37 -3.43
CA GLN A 7 5.34 -0.94 -3.49
C GLN A 7 5.56 0.25 -2.58
N TRP A 8 4.50 1.01 -2.31
CA TRP A 8 4.62 2.17 -1.43
C TRP A 8 4.30 1.75 -0.01
N ALA A 9 3.38 0.79 0.12
CA ALA A 9 2.99 0.29 1.42
C ALA A 9 4.06 -0.63 1.98
N GLU A 10 5.01 -1.04 1.12
CA GLU A 10 6.09 -1.91 1.55
C GLU A 10 7.18 -1.15 2.30
N TYR A 11 7.39 0.10 1.90
CA TYR A 11 8.41 0.93 2.55
C TYR A 11 7.96 1.37 3.93
N TYR A 12 6.71 1.83 4.02
CA TYR A 12 6.18 2.27 5.29
C TYR A 12 6.11 1.11 6.26
N ARG A 13 5.88 -0.09 5.72
CA ARG A 13 5.79 -1.29 6.54
C ARG A 13 7.14 -1.64 7.16
N SER A 14 8.20 -0.99 6.69
CA SER A 14 9.53 -1.26 7.21
C SER A 14 10.20 -0.02 7.80
N VAL A 15 9.78 1.16 7.35
CA VAL A 15 10.35 2.40 7.86
C VAL A 15 9.55 2.92 9.04
N GLY A 16 8.94 2.00 9.80
CA GLY A 16 8.14 2.39 10.94
C GLY A 16 6.98 3.26 10.57
N LYS A 17 6.48 3.07 9.35
CA LYS A 17 5.35 3.84 8.87
C LYS A 17 4.21 2.90 8.48
N ILE A 18 4.28 1.68 8.99
CA ILE A 18 3.26 0.67 8.73
C ILE A 18 1.87 1.26 8.90
N GLU A 19 1.76 2.24 9.79
CA GLU A 19 0.48 2.89 10.04
C GLU A 19 0.01 3.66 8.81
N GLU A 20 0.83 4.59 8.33
CA GLU A 20 0.49 5.37 7.15
C GLU A 20 0.33 4.44 5.95
N ALA A 21 1.07 3.33 5.98
CA ALA A 21 1.00 2.36 4.91
C ALA A 21 -0.43 1.87 4.75
N GLU A 22 -1.18 1.88 5.86
CA GLU A 22 -2.58 1.44 5.84
C GLU A 22 -3.33 2.11 4.71
N ALA A 23 -3.21 3.42 4.62
CA ALA A 23 -3.86 4.17 3.55
C ALA A 23 -3.44 3.61 2.20
N ILE A 24 -2.16 3.78 1.92
CA ILE A 24 -1.56 3.31 0.68
C ILE A 24 -1.92 1.85 0.42
N GLU A 25 -2.04 1.05 1.48
CA GLU A 25 -2.40 -0.35 1.32
C GLU A 25 -3.82 -0.47 0.80
N LYS A 26 -4.64 0.53 1.10
CA LYS A 26 -6.03 0.53 0.65
C LYS A 26 -6.11 0.92 -0.82
N THR A 27 -5.01 1.41 -1.39
CA THR A 27 -5.03 1.75 -2.81
C THR A 27 -4.92 0.46 -3.61
N LEU A 28 -4.40 -0.59 -2.96
CA LEU A 28 -4.25 -1.89 -3.61
C LEU A 28 -5.57 -2.30 -4.23
N LYS A 29 -6.67 -1.92 -3.58
CA LYS A 29 -8.00 -2.24 -4.07
C LYS A 29 -8.24 -1.59 -5.43
N ASN A 30 -7.38 -0.64 -5.81
CA ASN A 30 -7.51 0.06 -7.09
C ASN A 30 -7.81 -0.90 -8.23
N LYS A 31 -8.59 -0.44 -9.21
CA LYS A 31 -8.95 -1.26 -10.36
C LYS A 31 -9.41 -0.39 -11.52
N GLN A 32 -8.46 0.18 -12.23
CA GLN A 32 -8.77 1.04 -13.38
C GLN A 32 -9.36 0.23 -14.52
N ASN A 33 -10.68 0.35 -14.71
CA ASN A 33 -11.36 -0.38 -15.77
C ASN A 33 -12.02 0.58 -16.76
N GLY A 1 -6.83 -6.44 -11.80
CA GLY A 1 -6.96 -4.99 -11.48
C GLY A 1 -5.68 -4.22 -11.71
N ALA A 2 -5.48 -3.16 -10.93
CA ALA A 2 -4.27 -2.34 -11.06
C ALA A 2 -3.18 -2.83 -10.11
N ASP A 3 -3.40 -2.61 -8.82
CA ASP A 3 -2.44 -3.01 -7.80
C ASP A 3 -1.11 -2.29 -8.03
N TYR A 4 -0.89 -1.25 -7.24
CA TYR A 4 0.34 -0.45 -7.36
C TYR A 4 0.59 0.41 -6.13
N SER A 5 -0.33 0.40 -5.19
CA SER A 5 -0.15 1.18 -3.98
C SER A 5 0.29 0.26 -2.86
N ALA A 6 0.94 -0.82 -3.24
CA ALA A 6 1.46 -1.77 -2.30
C ALA A 6 2.96 -1.66 -2.27
N GLN A 7 3.54 -1.45 -3.45
CA GLN A 7 4.98 -1.33 -3.55
C GLN A 7 5.48 -0.18 -2.69
N TRP A 8 4.64 0.84 -2.50
CA TRP A 8 5.01 1.98 -1.66
C TRP A 8 4.61 1.68 -0.24
N ALA A 9 3.50 0.96 -0.09
CA ALA A 9 3.00 0.58 1.22
C ALA A 9 3.95 -0.40 1.90
N GLU A 10 4.75 -1.12 1.09
CA GLU A 10 5.69 -2.09 1.63
C GLU A 10 6.84 -1.40 2.37
N TYR A 11 7.22 -0.22 1.89
CA TYR A 11 8.30 0.53 2.51
C TYR A 11 7.92 0.99 3.91
N TYR A 12 6.73 1.55 4.03
CA TYR A 12 6.24 2.03 5.30
C TYR A 12 6.24 0.92 6.35
N ARG A 13 6.05 -0.31 5.89
CA ARG A 13 6.04 -1.46 6.80
C ARG A 13 7.39 -1.60 7.50
N SER A 14 8.43 -1.03 6.88
CA SER A 14 9.77 -1.11 7.45
C SER A 14 10.32 0.26 7.81
N VAL A 15 9.69 1.31 7.29
CA VAL A 15 10.12 2.67 7.58
C VAL A 15 9.34 3.23 8.77
N GLY A 16 8.89 2.33 9.65
CA GLY A 16 8.12 2.74 10.81
C GLY A 16 6.88 3.49 10.42
N LYS A 17 6.36 3.17 9.25
CA LYS A 17 5.14 3.82 8.77
C LYS A 17 4.08 2.78 8.43
N ILE A 18 4.29 1.57 8.91
CA ILE A 18 3.34 0.48 8.70
C ILE A 18 1.91 0.95 8.94
N GLU A 19 1.77 1.90 9.86
CA GLU A 19 0.46 2.44 10.17
C GLU A 19 -0.05 3.29 9.01
N GLU A 20 0.67 4.37 8.70
CA GLU A 20 0.30 5.23 7.60
C GLU A 20 0.23 4.43 6.31
N ALA A 21 0.95 3.31 6.27
CA ALA A 21 0.94 2.44 5.11
C ALA A 21 -0.48 1.94 4.86
N GLU A 22 -1.27 1.87 5.93
CA GLU A 22 -2.65 1.41 5.82
C GLU A 22 -3.37 2.14 4.70
N ALA A 23 -3.18 3.46 4.63
CA ALA A 23 -3.80 4.25 3.57
C ALA A 23 -3.35 3.76 2.22
N ILE A 24 -2.07 3.95 1.96
CA ILE A 24 -1.46 3.54 0.71
C ILE A 24 -1.78 2.07 0.43
N GLU A 25 -1.92 1.27 1.48
CA GLU A 25 -2.23 -0.14 1.32
C GLU A 25 -3.68 -0.33 0.88
N LYS A 26 -4.47 0.75 0.94
CA LYS A 26 -5.87 0.69 0.54
C LYS A 26 -6.06 0.98 -0.94
N THR A 27 -5.02 1.51 -1.58
CA THR A 27 -5.11 1.76 -3.02
C THR A 27 -4.76 0.48 -3.76
N LEU A 28 -4.10 -0.43 -3.03
CA LEU A 28 -3.72 -1.71 -3.60
C LEU A 28 -4.96 -2.40 -4.14
N LYS A 29 -6.09 -2.20 -3.47
CA LYS A 29 -7.35 -2.79 -3.90
C LYS A 29 -7.91 -1.98 -5.08
N ASN A 30 -7.09 -1.80 -6.11
CA ASN A 30 -7.49 -1.05 -7.29
C ASN A 30 -8.09 -1.97 -8.36
N LYS A 31 -9.38 -1.79 -8.62
CA LYS A 31 -10.07 -2.60 -9.61
C LYS A 31 -10.05 -4.08 -9.22
N GLN A 32 -11.03 -4.83 -9.71
CA GLN A 32 -11.12 -6.26 -9.42
C GLN A 32 -11.31 -6.49 -7.92
N ASN A 33 -12.57 -6.50 -7.48
CA ASN A 33 -12.89 -6.71 -6.08
C ASN A 33 -14.20 -7.48 -5.92
N GLY A 1 -6.78 -4.16 -9.89
CA GLY A 1 -6.03 -4.79 -8.78
C GLY A 1 -4.87 -5.65 -9.27
N ALA A 2 -3.73 -5.54 -8.60
CA ALA A 2 -2.55 -6.31 -8.98
C ALA A 2 -1.42 -6.08 -7.99
N ASP A 3 -0.69 -4.98 -8.17
CA ASP A 3 0.43 -4.65 -7.29
C ASP A 3 0.97 -3.25 -7.60
N TYR A 4 0.55 -2.27 -6.81
CA TYR A 4 0.99 -0.89 -7.00
C TYR A 4 0.98 -0.14 -5.69
N SER A 5 -0.17 -0.13 -5.03
CA SER A 5 -0.29 0.54 -3.74
C SER A 5 0.17 -0.37 -2.62
N ALA A 6 0.95 -1.38 -3.00
CA ALA A 6 1.50 -2.32 -2.06
C ALA A 6 3.00 -2.16 -2.03
N GLN A 7 3.59 -2.02 -3.22
CA GLN A 7 5.02 -1.83 -3.32
C GLN A 7 5.38 -0.52 -2.62
N TRP A 8 4.47 0.44 -2.76
CA TRP A 8 4.65 1.75 -2.16
C TRP A 8 4.27 1.70 -0.69
N ALA A 9 3.35 0.82 -0.34
CA ALA A 9 2.95 0.66 1.04
C ALA A 9 3.96 -0.17 1.80
N GLU A 10 4.86 -0.82 1.07
CA GLU A 10 5.88 -1.66 1.68
C GLU A 10 7.00 -0.85 2.30
N TYR A 11 7.38 0.25 1.68
CA TYR A 11 8.45 1.08 2.24
C TYR A 11 7.99 1.72 3.54
N TYR A 12 6.68 1.86 3.70
CA TYR A 12 6.11 2.45 4.91
C TYR A 12 6.35 1.54 6.10
N ARG A 13 5.84 0.32 6.01
CA ARG A 13 5.98 -0.66 7.07
C ARG A 13 7.46 -0.95 7.39
N SER A 14 8.37 -0.43 6.57
CA SER A 14 9.79 -0.65 6.78
C SER A 14 10.40 0.44 7.66
N VAL A 15 9.92 1.66 7.50
CA VAL A 15 10.41 2.79 8.28
C VAL A 15 9.46 3.08 9.43
N GLY A 16 8.90 2.02 10.00
CA GLY A 16 7.95 2.18 11.10
C GLY A 16 6.73 2.93 10.67
N LYS A 17 6.42 2.84 9.37
CA LYS A 17 5.25 3.52 8.84
C LYS A 17 4.16 2.51 8.50
N ILE A 18 4.25 1.34 9.11
CA ILE A 18 3.27 0.28 8.91
C ILE A 18 1.85 0.82 8.99
N GLU A 19 1.66 1.75 9.91
CA GLU A 19 0.35 2.37 10.10
C GLU A 19 -0.03 3.20 8.90
N GLU A 20 0.80 4.19 8.57
CA GLU A 20 0.53 5.04 7.42
C GLU A 20 0.46 4.23 6.14
N ALA A 21 1.09 3.05 6.14
CA ALA A 21 1.07 2.19 4.98
C ALA A 21 -0.33 1.65 4.72
N GLU A 22 -1.05 1.34 5.78
CA GLU A 22 -2.40 0.81 5.65
C GLU A 22 -3.25 1.74 4.79
N ALA A 23 -2.96 3.02 4.86
CA ALA A 23 -3.68 4.03 4.07
C ALA A 23 -3.44 3.81 2.60
N ILE A 24 -2.21 4.06 2.18
CA ILE A 24 -1.82 3.89 0.80
C ILE A 24 -2.02 2.44 0.38
N GLU A 25 -2.08 1.56 1.36
CA GLU A 25 -2.28 0.17 1.08
C GLU A 25 -3.70 -0.04 0.54
N LYS A 26 -4.60 0.86 0.95
CA LYS A 26 -5.99 0.79 0.50
C LYS A 26 -6.12 1.16 -0.95
N THR A 27 -5.08 1.75 -1.54
CA THR A 27 -5.13 2.09 -2.95
C THR A 27 -4.96 0.82 -3.77
N LEU A 28 -4.35 -0.19 -3.15
CA LEU A 28 -4.14 -1.47 -3.81
C LEU A 28 -5.45 -2.00 -4.37
N LYS A 29 -6.55 -1.63 -3.71
CA LYS A 29 -7.87 -2.05 -4.15
C LYS A 29 -8.34 -1.26 -5.38
N ASN A 30 -7.48 -0.37 -5.89
CA ASN A 30 -7.81 0.44 -7.06
C ASN A 30 -8.37 -0.43 -8.19
N LYS A 31 -9.34 0.12 -8.92
CA LYS A 31 -9.96 -0.60 -10.02
C LYS A 31 -9.51 -0.03 -11.36
N GLN A 32 -10.02 1.15 -11.70
CA GLN A 32 -9.68 1.81 -12.94
C GLN A 32 -9.99 0.93 -14.15
N ASN A 33 -11.07 0.15 -14.04
CA ASN A 33 -11.49 -0.75 -15.11
C ASN A 33 -12.18 0.03 -16.22
N GLY A 1 -4.53 -10.01 -7.99
CA GLY A 1 -4.70 -8.60 -8.42
C GLY A 1 -3.38 -7.96 -8.81
N ALA A 2 -3.45 -6.75 -9.37
CA ALA A 2 -2.25 -6.03 -9.79
C ALA A 2 -1.43 -5.57 -8.58
N ASP A 3 -2.10 -4.88 -7.67
CA ASP A 3 -1.45 -4.37 -6.47
C ASP A 3 -0.35 -3.37 -6.82
N TYR A 4 -0.67 -2.09 -6.67
CA TYR A 4 0.28 -1.03 -6.98
C TYR A 4 0.60 -0.21 -5.74
N SER A 5 -0.43 0.16 -5.01
CA SER A 5 -0.23 0.94 -3.79
C SER A 5 0.27 0.06 -2.67
N ALA A 6 0.66 -1.16 -3.02
CA ALA A 6 1.19 -2.10 -2.07
C ALA A 6 2.68 -1.97 -2.03
N GLN A 7 3.29 -1.87 -3.21
CA GLN A 7 4.72 -1.71 -3.28
C GLN A 7 5.11 -0.43 -2.56
N TRP A 8 4.21 0.54 -2.63
CA TRP A 8 4.41 1.81 -1.97
C TRP A 8 4.03 1.72 -0.50
N ALA A 9 3.17 0.76 -0.19
CA ALA A 9 2.76 0.52 1.19
C ALA A 9 3.73 -0.45 1.85
N GLU A 10 4.73 -0.90 1.08
CA GLU A 10 5.71 -1.84 1.57
C GLU A 10 6.86 -1.13 2.27
N TYR A 11 7.30 0.00 1.72
CA TYR A 11 8.40 0.74 2.34
C TYR A 11 7.96 1.36 3.66
N TYR A 12 6.68 1.71 3.76
CA TYR A 12 6.15 2.30 4.97
C TYR A 12 6.27 1.31 6.12
N ARG A 13 6.09 0.03 5.80
CA ARG A 13 6.15 -1.02 6.80
C ARG A 13 7.58 -1.25 7.28
N SER A 14 8.55 -0.53 6.72
CA SER A 14 9.94 -0.68 7.11
C SER A 14 10.45 0.54 7.88
N VAL A 15 9.88 1.70 7.60
CA VAL A 15 10.29 2.92 8.28
C VAL A 15 9.33 3.24 9.42
N GLY A 16 8.85 2.18 10.07
CA GLY A 16 7.91 2.35 11.17
C GLY A 16 6.66 3.07 10.71
N LYS A 17 6.35 2.93 9.43
CA LYS A 17 5.17 3.57 8.88
C LYS A 17 4.12 2.53 8.50
N ILE A 18 4.25 1.34 9.08
CA ILE A 18 3.32 0.25 8.83
C ILE A 18 1.88 0.75 8.92
N GLU A 19 1.66 1.68 9.85
CA GLU A 19 0.33 2.25 10.05
C GLU A 19 -0.06 3.14 8.88
N GLU A 20 0.83 4.05 8.50
CA GLU A 20 0.57 4.94 7.39
C GLU A 20 0.45 4.17 6.09
N ALA A 21 1.15 3.04 6.01
CA ALA A 21 1.10 2.21 4.81
C ALA A 21 -0.31 1.67 4.62
N GLU A 22 -1.00 1.41 5.72
CA GLU A 22 -2.35 0.88 5.67
C GLU A 22 -3.28 1.82 4.90
N ALA A 23 -2.90 3.09 4.82
CA ALA A 23 -3.69 4.07 4.09
C ALA A 23 -3.40 3.98 2.61
N ILE A 24 -2.15 4.23 2.28
CA ILE A 24 -1.71 4.20 0.90
C ILE A 24 -1.87 2.82 0.31
N GLU A 25 -1.85 1.79 1.15
CA GLU A 25 -2.01 0.46 0.63
C GLU A 25 -3.43 0.28 0.13
N LYS A 26 -4.37 1.00 0.76
CA LYS A 26 -5.77 0.95 0.39
C LYS A 26 -5.94 1.22 -1.11
N THR A 27 -4.98 1.94 -1.70
CA THR A 27 -5.06 2.24 -3.14
C THR A 27 -4.73 0.99 -3.96
N LEU A 28 -4.05 0.04 -3.34
CA LEU A 28 -3.67 -1.19 -4.02
C LEU A 28 -4.88 -2.10 -4.21
N LYS A 29 -5.94 -1.87 -3.43
CA LYS A 29 -7.16 -2.67 -3.51
C LYS A 29 -7.51 -3.00 -4.96
N ASN A 30 -7.22 -2.08 -5.87
CA ASN A 30 -7.49 -2.27 -7.28
C ASN A 30 -8.93 -2.73 -7.50
N LYS A 31 -9.82 -1.77 -7.76
CA LYS A 31 -11.23 -2.08 -7.99
C LYS A 31 -11.66 -1.64 -9.39
N GLN A 32 -12.23 -2.58 -10.15
CA GLN A 32 -12.68 -2.30 -11.50
C GLN A 32 -13.48 -3.47 -12.07
N ASN A 33 -14.75 -3.23 -12.37
CA ASN A 33 -15.62 -4.26 -12.91
C ASN A 33 -16.06 -3.91 -14.32
N GLY A 1 -7.21 -2.58 -11.95
CA GLY A 1 -6.01 -3.38 -11.58
C GLY A 1 -4.73 -2.57 -11.67
N ALA A 2 -4.00 -2.50 -10.56
CA ALA A 2 -2.75 -1.74 -10.52
C ALA A 2 -1.89 -2.17 -9.33
N ASP A 3 -2.52 -2.23 -8.16
CA ASP A 3 -1.82 -2.63 -6.94
C ASP A 3 -0.57 -1.79 -6.73
N TYR A 4 -0.59 -0.58 -7.30
CA TYR A 4 0.53 0.33 -7.18
C TYR A 4 0.63 0.95 -5.79
N SER A 5 -0.35 0.66 -4.96
CA SER A 5 -0.36 1.18 -3.61
C SER A 5 0.11 0.11 -2.64
N ALA A 6 0.86 -0.83 -3.17
CA ALA A 6 1.41 -1.92 -2.38
C ALA A 6 2.90 -1.72 -2.26
N GLN A 7 3.52 -1.25 -3.33
CA GLN A 7 4.95 -1.04 -3.34
C GLN A 7 5.32 0.05 -2.33
N TRP A 8 4.40 0.99 -2.10
CA TRP A 8 4.64 2.06 -1.15
C TRP A 8 4.20 1.61 0.23
N ALA A 9 3.20 0.74 0.25
CA ALA A 9 2.71 0.21 1.51
C ALA A 9 3.62 -0.89 2.03
N GLU A 10 4.61 -1.29 1.21
CA GLU A 10 5.53 -2.33 1.61
C GLU A 10 6.74 -1.77 2.32
N TYR A 11 7.29 -0.69 1.79
CA TYR A 11 8.47 -0.07 2.40
C TYR A 11 8.06 0.71 3.64
N TYR A 12 6.77 1.02 3.77
CA TYR A 12 6.28 1.73 4.95
C TYR A 12 6.29 0.79 6.14
N ARG A 13 6.11 -0.51 5.87
CA ARG A 13 6.09 -1.51 6.94
C ARG A 13 7.46 -1.64 7.59
N SER A 14 8.48 -1.03 7.00
CA SER A 14 9.82 -1.11 7.55
C SER A 14 10.38 0.27 7.91
N VAL A 15 9.85 1.31 7.31
CA VAL A 15 10.30 2.66 7.60
C VAL A 15 9.46 3.28 8.70
N GLY A 16 8.98 2.45 9.62
CA GLY A 16 8.15 2.93 10.70
C GLY A 16 6.94 3.66 10.18
N LYS A 17 6.50 3.30 8.98
CA LYS A 17 5.35 3.92 8.37
C LYS A 17 4.22 2.92 8.19
N ILE A 18 4.33 1.81 8.89
CA ILE A 18 3.33 0.75 8.84
C ILE A 18 1.92 1.33 8.97
N GLU A 19 1.79 2.34 9.84
CA GLU A 19 0.50 2.98 10.06
C GLU A 19 0.03 3.67 8.80
N GLU A 20 0.76 4.68 8.37
CA GLU A 20 0.41 5.41 7.15
C GLU A 20 0.33 4.46 5.97
N ALA A 21 1.02 3.33 6.06
CA ALA A 21 1.00 2.34 5.00
C ALA A 21 -0.42 1.79 4.84
N GLU A 22 -1.15 1.73 5.96
CA GLU A 22 -2.52 1.22 5.95
C GLU A 22 -3.34 1.90 4.85
N ALA A 23 -3.30 3.22 4.82
CA ALA A 23 -4.03 3.98 3.80
C ALA A 23 -3.57 3.56 2.44
N ILE A 24 -2.29 3.81 2.19
CA ILE A 24 -1.66 3.48 0.93
C ILE A 24 -1.93 2.01 0.57
N GLU A 25 -2.16 1.18 1.57
CA GLU A 25 -2.44 -0.23 1.34
C GLU A 25 -3.86 -0.44 0.82
N LYS A 26 -4.68 0.59 0.90
CA LYS A 26 -6.05 0.50 0.44
C LYS A 26 -6.19 0.90 -1.03
N THR A 27 -5.14 1.48 -1.60
CA THR A 27 -5.19 1.87 -3.01
C THR A 27 -4.71 0.73 -3.89
N LEU A 28 -3.92 -0.19 -3.31
CA LEU A 28 -3.44 -1.33 -4.07
C LEU A 28 -4.60 -2.21 -4.47
N LYS A 29 -5.69 -2.15 -3.69
CA LYS A 29 -6.87 -2.93 -4.00
C LYS A 29 -7.45 -2.52 -5.36
N ASN A 30 -6.93 -1.41 -5.91
CA ASN A 30 -7.37 -0.89 -7.20
C ASN A 30 -7.79 -2.00 -8.16
N LYS A 31 -9.01 -1.90 -8.67
CA LYS A 31 -9.55 -2.89 -9.60
C LYS A 31 -10.32 -2.22 -10.72
N GLN A 32 -10.31 -2.83 -11.90
CA GLN A 32 -11.01 -2.28 -13.06
C GLN A 32 -11.85 -3.36 -13.74
N ASN A 33 -13.17 -3.14 -13.78
CA ASN A 33 -14.08 -4.10 -14.40
C ASN A 33 -13.98 -5.46 -13.75
N GLY A 1 -4.89 -5.95 -13.71
CA GLY A 1 -5.40 -5.09 -12.61
C GLY A 1 -4.67 -3.76 -12.53
N ALA A 2 -3.76 -3.65 -11.56
CA ALA A 2 -2.99 -2.43 -11.38
C ALA A 2 -1.79 -2.66 -10.48
N ASP A 3 -2.06 -2.91 -9.19
CA ASP A 3 -0.99 -3.14 -8.22
C ASP A 3 0.00 -1.98 -8.25
N TYR A 4 -0.25 -0.96 -7.44
CA TYR A 4 0.62 0.20 -7.38
C TYR A 4 0.91 0.61 -5.96
N SER A 5 -0.15 0.88 -5.21
CA SER A 5 0.02 1.27 -3.82
C SER A 5 0.40 0.08 -2.97
N ALA A 6 0.91 -0.96 -3.63
CA ALA A 6 1.33 -2.15 -2.96
C ALA A 6 2.83 -2.16 -2.86
N GLN A 7 3.49 -1.76 -3.95
CA GLN A 7 4.94 -1.71 -3.95
C GLN A 7 5.38 -0.67 -2.94
N TRP A 8 4.76 0.50 -3.02
CA TRP A 8 5.05 1.58 -2.11
C TRP A 8 4.48 1.25 -0.73
N ALA A 9 3.65 0.21 -0.66
CA ALA A 9 3.05 -0.20 0.59
C ALA A 9 3.96 -1.13 1.38
N GLU A 10 4.94 -1.74 0.70
CA GLU A 10 5.85 -2.62 1.41
C GLU A 10 6.93 -1.83 2.13
N TYR A 11 7.12 -0.57 1.72
CA TYR A 11 8.09 0.28 2.37
C TYR A 11 7.48 1.00 3.55
N TYR A 12 6.15 0.98 3.64
CA TYR A 12 5.48 1.62 4.75
C TYR A 12 5.68 0.82 6.03
N ARG A 13 5.71 -0.50 5.89
CA ARG A 13 5.91 -1.38 7.04
C ARG A 13 7.38 -1.50 7.40
N SER A 14 8.22 -0.66 6.82
CA SER A 14 9.65 -0.69 7.10
C SER A 14 10.19 0.67 7.49
N VAL A 15 9.63 1.73 6.92
CA VAL A 15 10.07 3.08 7.23
C VAL A 15 9.23 3.69 8.34
N GLY A 16 8.76 2.83 9.26
CA GLY A 16 7.95 3.30 10.37
C GLY A 16 6.61 3.83 9.92
N LYS A 17 6.08 3.26 8.85
CA LYS A 17 4.80 3.71 8.33
C LYS A 17 3.75 2.62 8.50
N ILE A 18 4.01 1.69 9.39
CA ILE A 18 3.07 0.60 9.64
C ILE A 18 1.66 1.12 9.90
N GLU A 19 1.57 2.36 10.38
CA GLU A 19 0.27 2.96 10.64
C GLU A 19 -0.22 3.66 9.38
N GLU A 20 0.60 4.55 8.84
CA GLU A 20 0.25 5.22 7.60
C GLU A 20 0.10 4.17 6.50
N ALA A 21 0.67 2.99 6.77
CA ALA A 21 0.62 1.86 5.86
C ALA A 21 -0.81 1.56 5.45
N GLU A 22 -1.69 1.46 6.44
CA GLU A 22 -3.09 1.16 6.16
C GLU A 22 -3.70 2.15 5.16
N ALA A 23 -3.05 3.30 5.01
CA ALA A 23 -3.54 4.32 4.08
C ALA A 23 -3.09 4.03 2.66
N ILE A 24 -1.79 3.93 2.47
CA ILE A 24 -1.25 3.66 1.16
C ILE A 24 -1.43 2.17 0.83
N GLU A 25 -1.94 1.41 1.78
CA GLU A 25 -2.19 -0.01 1.56
C GLU A 25 -3.58 -0.20 0.96
N LYS A 26 -4.48 0.76 1.25
CA LYS A 26 -5.84 0.68 0.72
C LYS A 26 -5.91 1.15 -0.73
N THR A 27 -4.84 1.76 -1.22
CA THR A 27 -4.80 2.24 -2.60
C THR A 27 -4.37 1.11 -3.52
N LEU A 28 -3.59 0.18 -2.97
CA LEU A 28 -3.10 -0.95 -3.74
C LEU A 28 -4.23 -1.91 -4.11
N LYS A 29 -5.33 -1.86 -3.36
CA LYS A 29 -6.46 -2.74 -3.60
C LYS A 29 -6.91 -2.66 -5.07
N ASN A 30 -6.29 -3.47 -5.91
CA ASN A 30 -6.61 -3.49 -7.34
C ASN A 30 -6.52 -4.92 -7.88
N LYS A 31 -7.65 -5.60 -7.93
CA LYS A 31 -7.71 -6.98 -8.43
C LYS A 31 -7.02 -7.11 -9.79
N GLN A 32 -6.30 -8.21 -9.97
CA GLN A 32 -5.59 -8.46 -11.22
C GLN A 32 -6.37 -9.43 -12.10
N ASN A 33 -7.12 -10.33 -11.46
CA ASN A 33 -7.91 -11.32 -12.19
C ASN A 33 -7.01 -12.22 -13.03
N GLY A 1 -4.05 -7.79 -10.19
CA GLY A 1 -4.59 -6.96 -11.31
C GLY A 1 -3.56 -5.97 -11.84
N ALA A 2 -3.29 -4.93 -11.06
CA ALA A 2 -2.33 -3.91 -11.45
C ALA A 2 -1.18 -3.82 -10.44
N ASP A 3 -1.53 -3.77 -9.17
CA ASP A 3 -0.55 -3.69 -8.11
C ASP A 3 0.31 -2.44 -8.25
N TYR A 4 -0.04 -1.39 -7.50
CA TYR A 4 0.70 -0.14 -7.56
C TYR A 4 0.95 0.40 -6.17
N SER A 5 -0.12 0.56 -5.40
CA SER A 5 0.00 1.04 -4.04
C SER A 5 0.49 -0.09 -3.15
N ALA A 6 1.20 -1.03 -3.76
CA ALA A 6 1.75 -2.17 -3.05
C ALA A 6 3.24 -2.04 -2.97
N GLN A 7 3.85 -1.63 -4.09
CA GLN A 7 5.28 -1.45 -4.11
C GLN A 7 5.66 -0.35 -3.14
N TRP A 8 4.82 0.68 -3.11
CA TRP A 8 5.02 1.79 -2.21
C TRP A 8 4.45 1.47 -0.84
N ALA A 9 3.64 0.42 -0.78
CA ALA A 9 3.03 -0.01 0.47
C ALA A 9 3.99 -0.89 1.26
N GLU A 10 4.97 -1.49 0.59
CA GLU A 10 5.93 -2.34 1.28
C GLU A 10 6.95 -1.50 2.03
N TYR A 11 7.11 -0.25 1.65
CA TYR A 11 8.05 0.64 2.32
C TYR A 11 7.44 1.28 3.55
N TYR A 12 6.13 1.15 3.71
CA TYR A 12 5.47 1.72 4.87
C TYR A 12 5.67 0.82 6.09
N ARG A 13 5.69 -0.48 5.83
CA ARG A 13 5.87 -1.47 6.90
C ARG A 13 7.35 -1.64 7.24
N SER A 14 8.20 -0.77 6.70
CA SER A 14 9.63 -0.86 6.97
C SER A 14 10.19 0.44 7.52
N VAL A 15 9.63 1.56 7.10
CA VAL A 15 10.07 2.86 7.56
C VAL A 15 9.20 3.35 8.71
N GLY A 16 8.74 2.42 9.54
CA GLY A 16 7.89 2.77 10.66
C GLY A 16 6.61 3.41 10.19
N LYS A 17 6.15 3.01 9.01
CA LYS A 17 4.93 3.56 8.43
C LYS A 17 3.79 2.56 8.51
N ILE A 18 3.95 1.56 9.35
CA ILE A 18 2.93 0.52 9.51
C ILE A 18 1.55 1.13 9.80
N GLU A 19 1.53 2.33 10.33
CA GLU A 19 0.25 2.99 10.62
C GLU A 19 -0.24 3.71 9.39
N GLU A 20 0.55 4.66 8.89
CA GLU A 20 0.19 5.36 7.67
C GLU A 20 0.06 4.33 6.55
N ALA A 21 0.66 3.16 6.77
CA ALA A 21 0.61 2.06 5.82
C ALA A 21 -0.81 1.76 5.41
N GLU A 22 -1.70 1.67 6.38
CA GLU A 22 -3.10 1.38 6.09
C GLU A 22 -3.67 2.38 5.07
N ALA A 23 -3.01 3.51 4.92
CA ALA A 23 -3.46 4.53 3.98
C ALA A 23 -3.06 4.19 2.55
N ILE A 24 -1.77 4.09 2.31
CA ILE A 24 -1.29 3.77 0.98
C ILE A 24 -1.48 2.28 0.71
N GLU A 25 -1.92 1.53 1.74
CA GLU A 25 -2.19 0.12 1.60
C GLU A 25 -3.60 -0.08 1.06
N LYS A 26 -4.47 0.89 1.34
CA LYS A 26 -5.85 0.81 0.86
C LYS A 26 -5.94 1.08 -0.64
N THR A 27 -4.90 1.70 -1.19
CA THR A 27 -4.87 1.97 -2.62
C THR A 27 -4.42 0.72 -3.35
N LEU A 28 -3.83 -0.21 -2.59
CA LEU A 28 -3.36 -1.47 -3.13
C LEU A 28 -4.52 -2.24 -3.72
N LYS A 29 -5.66 -2.18 -3.04
CA LYS A 29 -6.86 -2.88 -3.50
C LYS A 29 -7.25 -2.41 -4.89
N ASN A 30 -6.67 -3.03 -5.91
CA ASN A 30 -6.97 -2.67 -7.30
C ASN A 30 -8.25 -3.35 -7.77
N LYS A 31 -9.34 -3.10 -7.05
CA LYS A 31 -10.64 -3.67 -7.40
C LYS A 31 -11.75 -3.04 -6.58
N GLN A 32 -11.48 -2.82 -5.29
CA GLN A 32 -12.46 -2.22 -4.38
C GLN A 32 -13.72 -3.08 -4.28
N ASN A 33 -14.61 -2.94 -5.25
CA ASN A 33 -15.85 -3.71 -5.27
C ASN A 33 -16.52 -3.63 -6.63
N GLY A 1 -7.09 -0.05 -11.58
CA GLY A 1 -6.54 -0.48 -12.90
C GLY A 1 -5.15 0.07 -13.16
N ALA A 2 -4.24 -0.16 -12.22
CA ALA A 2 -2.87 0.32 -12.35
C ALA A 2 -1.95 -0.41 -11.40
N ASP A 3 -2.39 -0.58 -10.15
CA ASP A 3 -1.60 -1.27 -9.14
C ASP A 3 -0.34 -0.48 -8.83
N TYR A 4 -0.35 0.18 -7.69
CA TYR A 4 0.79 1.00 -7.26
C TYR A 4 0.70 1.32 -5.78
N SER A 5 0.05 0.45 -5.03
CA SER A 5 -0.09 0.63 -3.61
C SER A 5 0.40 -0.60 -2.87
N ALA A 6 1.23 -1.36 -3.57
CA ALA A 6 1.82 -2.55 -3.03
C ALA A 6 3.31 -2.37 -2.93
N GLN A 7 3.87 -1.69 -3.93
CA GLN A 7 5.29 -1.45 -3.94
C GLN A 7 5.67 -0.39 -2.93
N TRP A 8 4.81 0.61 -2.78
CA TRP A 8 5.05 1.66 -1.80
C TRP A 8 4.56 1.19 -0.44
N ALA A 9 3.66 0.22 -0.49
CA ALA A 9 3.08 -0.34 0.72
C ALA A 9 4.11 -1.18 1.47
N GLU A 10 5.13 -1.66 0.76
CA GLU A 10 6.17 -2.47 1.41
C GLU A 10 7.18 -1.59 2.13
N TYR A 11 7.15 -0.30 1.83
CA TYR A 11 8.06 0.64 2.47
C TYR A 11 7.42 1.24 3.71
N TYR A 12 6.10 1.06 3.84
CA TYR A 12 5.41 1.59 4.99
C TYR A 12 5.70 0.73 6.22
N ARG A 13 5.80 -0.57 6.01
CA ARG A 13 6.08 -1.50 7.09
C ARG A 13 7.57 -1.57 7.39
N SER A 14 8.36 -0.64 6.83
CA SER A 14 9.79 -0.64 7.07
C SER A 14 10.30 0.72 7.55
N VAL A 15 9.70 1.79 7.05
CA VAL A 15 10.09 3.13 7.47
C VAL A 15 9.19 3.63 8.59
N GLY A 16 8.78 2.71 9.46
CA GLY A 16 7.91 3.08 10.55
C GLY A 16 6.61 3.66 10.07
N LYS A 17 6.16 3.19 8.91
CA LYS A 17 4.92 3.67 8.34
C LYS A 17 3.81 2.64 8.46
N ILE A 18 4.00 1.69 9.36
CA ILE A 18 3.01 0.64 9.58
C ILE A 18 1.61 1.22 9.77
N GLU A 19 1.54 2.45 10.26
CA GLU A 19 0.25 3.10 10.45
C GLU A 19 -0.20 3.78 9.17
N GLU A 20 0.68 4.61 8.60
CA GLU A 20 0.38 5.26 7.35
C GLU A 20 0.20 4.19 6.28
N ALA A 21 0.72 2.99 6.58
CA ALA A 21 0.62 1.85 5.68
C ALA A 21 -0.82 1.60 5.27
N GLU A 22 -1.71 1.58 6.26
CA GLU A 22 -3.12 1.35 5.95
C GLU A 22 -3.62 2.30 4.87
N ALA A 23 -2.90 3.40 4.68
CA ALA A 23 -3.25 4.39 3.68
C ALA A 23 -2.92 3.91 2.29
N ILE A 24 -1.63 3.79 2.01
CA ILE A 24 -1.20 3.34 0.69
C ILE A 24 -1.51 1.86 0.52
N GLU A 25 -1.84 1.18 1.63
CA GLU A 25 -2.18 -0.22 1.57
C GLU A 25 -3.62 -0.36 1.08
N LYS A 26 -4.45 0.66 1.35
CA LYS A 26 -5.83 0.63 0.92
C LYS A 26 -5.96 1.06 -0.53
N THR A 27 -4.86 1.54 -1.10
CA THR A 27 -4.87 1.95 -2.50
C THR A 27 -4.67 0.71 -3.36
N LEU A 28 -4.07 -0.32 -2.76
CA LEU A 28 -3.82 -1.58 -3.46
C LEU A 28 -5.12 -2.08 -4.07
N LYS A 29 -6.22 -1.82 -3.37
CA LYS A 29 -7.53 -2.23 -3.86
C LYS A 29 -7.81 -1.61 -5.25
N ASN A 30 -7.04 -0.57 -5.58
CA ASN A 30 -7.18 0.12 -6.86
C ASN A 30 -7.31 -0.88 -8.01
N LYS A 31 -8.56 -1.13 -8.44
CA LYS A 31 -8.82 -2.06 -9.52
C LYS A 31 -10.28 -1.98 -9.97
N GLN A 32 -10.62 -0.87 -10.62
CA GLN A 32 -11.99 -0.66 -11.09
C GLN A 32 -12.19 -1.32 -12.46
N ASN A 33 -13.15 -2.23 -12.54
CA ASN A 33 -13.44 -2.93 -13.79
C ASN A 33 -14.77 -2.45 -14.37
N GLY A 1 -5.44 -5.20 -14.04
CA GLY A 1 -3.97 -5.18 -13.83
C GLY A 1 -3.45 -3.79 -13.51
N ALA A 2 -2.87 -3.64 -12.32
CA ALA A 2 -2.33 -2.36 -11.90
C ALA A 2 -1.20 -2.54 -10.89
N ASP A 3 -1.57 -2.77 -9.64
CA ASP A 3 -0.59 -2.96 -8.57
C ASP A 3 0.36 -1.77 -8.48
N TYR A 4 0.03 -0.84 -7.58
CA TYR A 4 0.85 0.36 -7.39
C TYR A 4 1.01 0.68 -5.93
N SER A 5 -0.09 0.65 -5.20
CA SER A 5 -0.05 0.94 -3.77
C SER A 5 0.44 -0.29 -3.01
N ALA A 6 1.22 -1.12 -3.70
CA ALA A 6 1.79 -2.31 -3.11
C ALA A 6 3.28 -2.14 -3.00
N GLN A 7 3.88 -1.66 -4.08
CA GLN A 7 5.31 -1.44 -4.08
C GLN A 7 5.63 -0.31 -3.12
N TRP A 8 4.75 0.68 -3.11
CA TRP A 8 4.88 1.82 -2.23
C TRP A 8 4.22 1.52 -0.89
N ALA A 9 3.75 0.29 -0.72
CA ALA A 9 3.12 -0.14 0.51
C ALA A 9 4.09 -1.01 1.30
N GLU A 10 5.09 -1.56 0.64
CA GLU A 10 6.07 -2.37 1.33
C GLU A 10 7.05 -1.50 2.11
N TYR A 11 7.18 -0.24 1.70
CA TYR A 11 8.08 0.68 2.38
C TYR A 11 7.42 1.27 3.62
N TYR A 12 6.11 1.13 3.75
CA TYR A 12 5.42 1.66 4.91
C TYR A 12 5.67 0.77 6.12
N ARG A 13 5.72 -0.54 5.90
CA ARG A 13 5.95 -1.49 6.98
C ARG A 13 7.43 -1.63 7.29
N SER A 14 8.27 -0.74 6.75
CA SER A 14 9.70 -0.80 6.99
C SER A 14 10.24 0.51 7.54
N VAL A 15 9.65 1.63 7.11
CA VAL A 15 10.09 2.94 7.56
C VAL A 15 9.20 3.43 8.69
N GLY A 16 8.76 2.49 9.53
CA GLY A 16 7.89 2.85 10.64
C GLY A 16 6.61 3.48 10.15
N LYS A 17 6.16 3.05 8.98
CA LYS A 17 4.93 3.58 8.40
C LYS A 17 3.81 2.57 8.47
N ILE A 18 3.97 1.57 9.32
CA ILE A 18 2.96 0.53 9.48
C ILE A 18 1.57 1.12 9.70
N GLU A 19 1.52 2.31 10.30
CA GLU A 19 0.24 2.98 10.54
C GLU A 19 -0.19 3.73 9.29
N GLU A 20 0.70 4.55 8.76
CA GLU A 20 0.41 5.28 7.54
C GLU A 20 0.19 4.27 6.42
N ALA A 21 0.67 3.05 6.63
CA ALA A 21 0.52 1.99 5.66
C ALA A 21 -0.94 1.78 5.31
N GLU A 22 -1.80 1.80 6.33
CA GLU A 22 -3.23 1.61 6.10
C GLU A 22 -3.75 2.48 4.97
N ALA A 23 -3.14 3.64 4.80
CA ALA A 23 -3.53 4.57 3.73
C ALA A 23 -3.01 4.10 2.39
N ILE A 24 -1.72 3.85 2.36
CA ILE A 24 -1.04 3.42 1.14
C ILE A 24 -1.41 1.96 0.81
N GLU A 25 -1.93 1.23 1.80
CA GLU A 25 -2.33 -0.14 1.60
C GLU A 25 -3.77 -0.19 1.07
N LYS A 26 -4.52 0.87 1.29
CA LYS A 26 -5.90 0.94 0.84
C LYS A 26 -5.96 1.29 -0.64
N THR A 27 -4.85 1.79 -1.20
CA THR A 27 -4.81 2.12 -2.61
C THR A 27 -4.34 0.89 -3.38
N LEU A 28 -4.01 -0.16 -2.63
CA LEU A 28 -3.56 -1.43 -3.20
C LEU A 28 -4.74 -2.25 -3.68
N LYS A 29 -5.92 -1.98 -3.09
CA LYS A 29 -7.15 -2.70 -3.45
C LYS A 29 -7.19 -3.02 -4.95
N ASN A 30 -6.65 -2.12 -5.77
CA ASN A 30 -6.62 -2.31 -7.21
C ASN A 30 -5.97 -3.64 -7.57
N LYS A 31 -6.46 -4.27 -8.63
CA LYS A 31 -5.93 -5.55 -9.09
C LYS A 31 -6.52 -6.71 -8.29
N GLN A 32 -6.53 -6.59 -6.97
CA GLN A 32 -7.07 -7.63 -6.09
C GLN A 32 -6.15 -8.85 -6.07
N ASN A 33 -5.10 -8.79 -5.24
CA ASN A 33 -4.16 -9.89 -5.13
C ASN A 33 -4.63 -10.91 -4.09
N GLY A 1 -4.13 -7.47 -13.49
CA GLY A 1 -3.51 -7.14 -12.17
C GLY A 1 -2.57 -5.96 -12.25
N ALA A 2 -2.90 -4.88 -11.53
CA ALA A 2 -2.08 -3.68 -11.53
C ALA A 2 -1.18 -3.63 -10.29
N ASP A 3 -1.78 -3.27 -9.15
CA ASP A 3 -1.05 -3.18 -7.90
C ASP A 3 0.02 -2.09 -7.97
N TYR A 4 -0.28 -0.94 -7.38
CA TYR A 4 0.64 0.18 -7.38
C TYR A 4 0.96 0.63 -5.97
N SER A 5 -0.08 0.86 -5.18
CA SER A 5 0.11 1.26 -3.80
C SER A 5 0.53 0.08 -2.95
N ALA A 6 1.03 -0.96 -3.62
CA ALA A 6 1.50 -2.16 -2.97
C ALA A 6 3.00 -2.11 -2.87
N GLN A 7 3.63 -1.72 -3.97
CA GLN A 7 5.07 -1.60 -3.98
C GLN A 7 5.49 -0.51 -3.00
N TRP A 8 4.72 0.55 -3.00
CA TRP A 8 4.96 1.68 -2.10
C TRP A 8 4.28 1.41 -0.76
N ALA A 9 3.78 0.19 -0.59
CA ALA A 9 3.14 -0.20 0.64
C ALA A 9 4.07 -1.09 1.46
N GLU A 10 5.00 -1.77 0.78
CA GLU A 10 5.95 -2.61 1.49
C GLU A 10 6.98 -1.76 2.20
N TYR A 11 7.08 -0.49 1.82
CA TYR A 11 8.02 0.42 2.45
C TYR A 11 7.42 1.04 3.71
N TYR A 12 6.10 0.98 3.85
CA TYR A 12 5.46 1.55 5.02
C TYR A 12 5.74 0.69 6.24
N ARG A 13 5.78 -0.62 6.04
CA ARG A 13 6.04 -1.55 7.13
C ARG A 13 7.52 -1.60 7.49
N SER A 14 8.33 -0.74 6.86
CA SER A 14 9.75 -0.72 7.13
C SER A 14 10.26 0.69 7.46
N VAL A 15 9.62 1.70 6.87
CA VAL A 15 10.02 3.08 7.13
C VAL A 15 9.17 3.68 8.24
N GLY A 16 8.80 2.84 9.21
CA GLY A 16 7.99 3.30 10.32
C GLY A 16 6.67 3.86 9.85
N LYS A 17 6.16 3.30 8.76
CA LYS A 17 4.89 3.75 8.21
C LYS A 17 3.82 2.68 8.36
N ILE A 18 4.05 1.73 9.25
CA ILE A 18 3.10 0.66 9.49
C ILE A 18 1.70 1.20 9.74
N GLU A 19 1.60 2.37 10.35
CA GLU A 19 0.30 2.98 10.61
C GLU A 19 -0.20 3.70 9.38
N GLU A 20 0.65 4.54 8.81
CA GLU A 20 0.27 5.23 7.59
C GLU A 20 0.09 4.21 6.48
N ALA A 21 0.63 3.01 6.71
CA ALA A 21 0.52 1.92 5.77
C ALA A 21 -0.94 1.65 5.42
N GLU A 22 -1.79 1.63 6.44
CA GLU A 22 -3.21 1.38 6.22
C GLU A 22 -3.76 2.20 5.05
N ALA A 23 -3.26 3.42 4.91
CA ALA A 23 -3.69 4.29 3.81
C ALA A 23 -3.09 3.85 2.50
N ILE A 24 -1.79 3.67 2.51
CA ILE A 24 -1.05 3.26 1.35
C ILE A 24 -1.33 1.80 1.00
N GLU A 25 -1.99 1.09 1.91
CA GLU A 25 -2.33 -0.30 1.68
C GLU A 25 -3.75 -0.42 1.13
N LYS A 26 -4.51 0.67 1.21
CA LYS A 26 -5.87 0.67 0.71
C LYS A 26 -5.91 1.20 -0.73
N THR A 27 -4.78 1.71 -1.21
CA THR A 27 -4.71 2.23 -2.57
C THR A 27 -4.35 1.10 -3.54
N LEU A 28 -3.64 0.08 -3.05
CA LEU A 28 -3.26 -1.04 -3.89
C LEU A 28 -4.48 -1.89 -4.25
N LYS A 29 -5.55 -1.77 -3.46
CA LYS A 29 -6.76 -2.53 -3.72
C LYS A 29 -7.41 -2.08 -5.02
N ASN A 30 -6.74 -2.36 -6.14
CA ASN A 30 -7.24 -1.99 -7.45
C ASN A 30 -7.43 -3.23 -8.34
N LYS A 31 -8.28 -3.10 -9.34
CA LYS A 31 -8.55 -4.20 -10.26
C LYS A 31 -8.12 -3.84 -11.68
N GLN A 32 -8.81 -2.88 -12.28
CA GLN A 32 -8.49 -2.43 -13.63
C GLN A 32 -9.24 -1.14 -13.96
N ASN A 33 -10.55 -1.17 -13.83
CA ASN A 33 -11.38 0.00 -14.13
C ASN A 33 -11.95 0.59 -12.85
N GLY A 1 -0.51 -8.67 -10.98
CA GLY A 1 -1.92 -8.30 -11.28
C GLY A 1 -2.28 -6.94 -10.73
N ALA A 2 -1.62 -5.90 -11.24
CA ALA A 2 -1.87 -4.54 -10.80
C ALA A 2 -1.50 -4.36 -9.33
N ASP A 3 -0.35 -3.76 -9.10
CA ASP A 3 0.13 -3.51 -7.74
C ASP A 3 0.94 -2.23 -7.69
N TYR A 4 0.26 -1.12 -7.44
CA TYR A 4 0.91 0.19 -7.37
C TYR A 4 1.04 0.66 -5.94
N SER A 5 -0.07 0.69 -5.24
CA SER A 5 -0.06 1.10 -3.85
C SER A 5 0.41 -0.06 -2.98
N ALA A 6 1.20 -0.93 -3.58
CA ALA A 6 1.76 -2.07 -2.90
C ALA A 6 3.23 -1.85 -2.73
N GLN A 7 3.86 -1.32 -3.78
CA GLN A 7 5.28 -1.04 -3.71
C GLN A 7 5.52 -0.04 -2.60
N TRP A 8 4.74 1.04 -2.63
CA TRP A 8 4.82 2.05 -1.61
C TRP A 8 4.21 1.52 -0.32
N ALA A 9 3.63 0.32 -0.40
CA ALA A 9 3.05 -0.31 0.76
C ALA A 9 3.93 -1.46 1.24
N GLU A 10 5.13 -1.57 0.69
CA GLU A 10 6.04 -2.61 1.12
C GLU A 10 7.21 -2.02 1.88
N TYR A 11 7.65 -0.83 1.50
CA TYR A 11 8.73 -0.19 2.22
C TYR A 11 8.17 0.86 3.16
N TYR A 12 6.86 0.83 3.36
CA TYR A 12 6.20 1.75 4.27
C TYR A 12 5.88 1.04 5.58
N ARG A 13 5.70 -0.28 5.49
CA ARG A 13 5.41 -1.08 6.67
C ARG A 13 6.68 -1.41 7.44
N SER A 14 7.82 -0.94 6.93
CA SER A 14 9.10 -1.19 7.59
C SER A 14 9.86 0.10 7.90
N VAL A 15 9.50 1.18 7.24
CA VAL A 15 10.16 2.47 7.47
C VAL A 15 9.41 3.30 8.49
N GLY A 16 8.71 2.62 9.41
CA GLY A 16 7.96 3.32 10.44
C GLY A 16 6.64 3.87 9.94
N LYS A 17 6.25 3.48 8.73
CA LYS A 17 4.99 3.95 8.16
C LYS A 17 3.94 2.85 8.19
N ILE A 18 4.16 1.87 9.06
CA ILE A 18 3.23 0.74 9.20
C ILE A 18 1.81 1.20 9.50
N GLU A 19 1.67 2.21 10.33
CA GLU A 19 0.35 2.72 10.67
C GLU A 19 -0.21 3.52 9.52
N GLU A 20 0.52 4.55 9.09
CA GLU A 20 0.10 5.34 7.96
C GLU A 20 0.06 4.47 6.71
N ALA A 21 0.71 3.31 6.80
CA ALA A 21 0.74 2.38 5.69
C ALA A 21 -0.67 1.93 5.35
N GLU A 22 -1.48 1.69 6.37
CA GLU A 22 -2.86 1.25 6.15
C GLU A 22 -3.58 2.16 5.15
N ALA A 23 -3.12 3.41 5.04
CA ALA A 23 -3.74 4.36 4.11
C ALA A 23 -3.40 4.04 2.67
N ILE A 24 -2.13 4.09 2.32
CA ILE A 24 -1.72 3.78 0.95
C ILE A 24 -1.90 2.28 0.68
N GLU A 25 -2.24 1.52 1.73
CA GLU A 25 -2.50 0.10 1.57
C GLU A 25 -3.86 -0.11 0.94
N LYS A 26 -4.79 0.80 1.24
CA LYS A 26 -6.14 0.72 0.70
C LYS A 26 -6.18 1.12 -0.78
N THR A 27 -5.05 1.57 -1.31
CA THR A 27 -4.99 1.95 -2.71
C THR A 27 -4.46 0.79 -3.54
N LEU A 28 -3.90 -0.20 -2.85
CA LEU A 28 -3.36 -1.39 -3.50
C LEU A 28 -4.49 -2.31 -3.95
N LYS A 29 -5.62 -2.22 -3.26
CA LYS A 29 -6.78 -3.06 -3.60
C LYS A 29 -7.30 -2.72 -4.99
N ASN A 30 -6.53 -3.06 -6.01
CA ASN A 30 -6.93 -2.80 -7.39
C ASN A 30 -7.28 -4.10 -8.12
N LYS A 31 -6.34 -5.03 -8.12
CA LYS A 31 -6.53 -6.32 -8.78
C LYS A 31 -5.75 -7.42 -8.07
N GLN A 32 -6.37 -8.60 -7.96
CA GLN A 32 -5.73 -9.73 -7.30
C GLN A 32 -5.93 -11.01 -8.11
N ASN A 33 -5.08 -11.20 -9.11
CA ASN A 33 -5.16 -12.38 -9.96
C ASN A 33 -3.91 -12.53 -10.82
N GLY A 1 -4.64 -4.76 -11.28
CA GLY A 1 -4.05 -4.27 -12.56
C GLY A 1 -2.78 -3.49 -12.37
N ALA A 2 -2.86 -2.46 -11.51
CA ALA A 2 -1.70 -1.62 -11.24
C ALA A 2 -1.12 -1.91 -9.86
N ASP A 3 -2.00 -1.97 -8.86
CA ASP A 3 -1.60 -2.23 -7.48
C ASP A 3 -0.37 -1.42 -7.11
N TYR A 4 -0.30 -0.21 -7.63
CA TYR A 4 0.81 0.69 -7.36
C TYR A 4 0.93 1.05 -5.89
N SER A 5 -0.08 0.69 -5.10
CA SER A 5 -0.05 0.96 -3.69
C SER A 5 0.49 -0.25 -2.93
N ALA A 6 1.29 -1.03 -3.62
CA ALA A 6 1.91 -2.20 -3.04
C ALA A 6 3.39 -1.96 -2.88
N GLN A 7 3.98 -1.30 -3.87
CA GLN A 7 5.39 -1.03 -3.82
C GLN A 7 5.72 -0.05 -2.70
N TRP A 8 4.86 0.94 -2.49
CA TRP A 8 5.07 1.90 -1.41
C TRP A 8 4.50 1.33 -0.13
N ALA A 9 3.60 0.37 -0.28
CA ALA A 9 2.96 -0.25 0.86
C ALA A 9 3.92 -1.21 1.57
N GLU A 10 4.76 -1.89 0.80
CA GLU A 10 5.73 -2.80 1.41
C GLU A 10 6.88 -2.04 2.04
N TYR A 11 6.87 -0.73 1.87
CA TYR A 11 7.91 0.10 2.46
C TYR A 11 7.44 0.64 3.79
N TYR A 12 6.15 0.93 3.90
CA TYR A 12 5.61 1.44 5.16
C TYR A 12 5.91 0.48 6.30
N ARG A 13 5.81 -0.81 6.01
CA ARG A 13 6.07 -1.84 7.00
C ARG A 13 7.51 -1.78 7.52
N SER A 14 8.35 -0.96 6.89
CA SER A 14 9.74 -0.85 7.31
C SER A 14 10.21 0.60 7.39
N VAL A 15 9.50 1.50 6.74
CA VAL A 15 9.85 2.91 6.76
C VAL A 15 9.16 3.62 7.92
N GLY A 16 8.72 2.84 8.91
CA GLY A 16 8.02 3.42 10.04
C GLY A 16 6.70 4.01 9.63
N LYS A 17 6.12 3.43 8.59
CA LYS A 17 4.83 3.90 8.09
C LYS A 17 3.76 2.83 8.28
N ILE A 18 4.07 1.84 9.08
CA ILE A 18 3.13 0.75 9.34
C ILE A 18 1.75 1.25 9.71
N GLU A 19 1.66 2.46 10.24
CA GLU A 19 0.36 3.04 10.59
C GLU A 19 -0.22 3.73 9.39
N GLU A 20 0.50 4.70 8.83
CA GLU A 20 0.03 5.35 7.62
C GLU A 20 -0.07 4.32 6.52
N ALA A 21 0.57 3.16 6.75
CA ALA A 21 0.57 2.05 5.83
C ALA A 21 -0.84 1.71 5.40
N GLU A 22 -1.74 1.63 6.38
CA GLU A 22 -3.14 1.31 6.07
C GLU A 22 -3.68 2.23 4.98
N ALA A 23 -3.04 3.39 4.82
CA ALA A 23 -3.45 4.35 3.80
C ALA A 23 -3.04 3.90 2.42
N ILE A 24 -1.74 3.88 2.17
CA ILE A 24 -1.24 3.48 0.89
C ILE A 24 -1.50 1.99 0.66
N GLU A 25 -1.87 1.28 1.73
CA GLU A 25 -2.17 -0.14 1.61
C GLU A 25 -3.59 -0.33 1.07
N LYS A 26 -4.45 0.67 1.27
CA LYS A 26 -5.83 0.59 0.79
C LYS A 26 -5.93 0.94 -0.69
N THR A 27 -4.89 1.56 -1.23
CA THR A 27 -4.91 1.89 -2.66
C THR A 27 -4.48 0.66 -3.44
N LEU A 28 -3.86 -0.30 -2.74
CA LEU A 28 -3.42 -1.54 -3.36
C LEU A 28 -4.60 -2.20 -4.02
N LYS A 29 -5.78 -2.05 -3.41
CA LYS A 29 -7.00 -2.61 -3.97
C LYS A 29 -7.60 -1.68 -5.03
N ASN A 30 -6.71 -1.07 -5.83
CA ASN A 30 -7.13 -0.16 -6.89
C ASN A 30 -8.03 -0.87 -7.90
N LYS A 31 -7.62 -2.07 -8.31
CA LYS A 31 -8.38 -2.84 -9.27
C LYS A 31 -9.24 -3.88 -8.56
N GLN A 32 -10.43 -4.13 -9.10
CA GLN A 32 -11.35 -5.10 -8.52
C GLN A 32 -11.22 -6.46 -9.21
N ASN A 33 -10.54 -7.39 -8.55
CA ASN A 33 -10.34 -8.73 -9.09
C ASN A 33 -11.42 -9.68 -8.60
N GLY A 1 -5.07 -5.58 -13.31
CA GLY A 1 -5.01 -4.41 -12.41
C GLY A 1 -3.65 -3.75 -12.40
N ALA A 2 -3.64 -2.42 -12.36
CA ALA A 2 -2.39 -1.66 -12.35
C ALA A 2 -1.52 -2.05 -11.16
N ASP A 3 -2.05 -1.85 -9.97
CA ASP A 3 -1.33 -2.17 -8.74
C ASP A 3 -0.13 -1.27 -8.57
N TYR A 4 -0.26 -0.32 -7.65
CA TYR A 4 0.80 0.64 -7.37
C TYR A 4 0.85 1.02 -5.90
N SER A 5 -0.14 0.57 -5.13
CA SER A 5 -0.16 0.87 -3.72
C SER A 5 0.43 -0.29 -2.93
N ALA A 6 1.27 -1.06 -3.61
CA ALA A 6 1.93 -2.19 -3.00
C ALA A 6 3.41 -1.88 -2.82
N GLN A 7 3.99 -1.26 -3.83
CA GLN A 7 5.40 -0.92 -3.77
C GLN A 7 5.64 0.12 -2.69
N TRP A 8 4.65 0.98 -2.48
CA TRP A 8 4.74 1.98 -1.43
C TRP A 8 4.25 1.36 -0.13
N ALA A 9 3.49 0.28 -0.28
CA ALA A 9 2.96 -0.42 0.85
C ALA A 9 3.91 -1.51 1.32
N GLU A 10 5.09 -1.60 0.72
CA GLU A 10 6.06 -2.60 1.15
C GLU A 10 7.28 -1.95 1.78
N TYR A 11 7.38 -0.63 1.62
CA TYR A 11 8.47 0.11 2.21
C TYR A 11 7.92 1.01 3.30
N TYR A 12 6.61 0.94 3.52
CA TYR A 12 5.97 1.73 4.54
C TYR A 12 5.82 0.93 5.83
N ARG A 13 5.75 -0.38 5.68
CA ARG A 13 5.64 -1.27 6.82
C ARG A 13 7.01 -1.52 7.45
N SER A 14 8.06 -0.94 6.86
CA SER A 14 9.41 -1.12 7.36
C SER A 14 10.05 0.21 7.76
N VAL A 15 9.59 1.30 7.14
CA VAL A 15 10.12 2.62 7.46
C VAL A 15 9.29 3.31 8.55
N GLY A 16 8.74 2.50 9.44
CA GLY A 16 7.93 3.03 10.52
C GLY A 16 6.64 3.65 10.02
N LYS A 17 6.20 3.23 8.84
CA LYS A 17 4.97 3.76 8.26
C LYS A 17 3.86 2.73 8.32
N ILE A 18 4.05 1.71 9.13
CA ILE A 18 3.06 0.64 9.27
C ILE A 18 1.66 1.18 9.57
N GLU A 19 1.59 2.30 10.27
CA GLU A 19 0.30 2.89 10.60
C GLU A 19 -0.22 3.67 9.41
N GLU A 20 0.55 4.67 8.98
CA GLU A 20 0.18 5.46 7.81
C GLU A 20 0.13 4.53 6.60
N ALA A 21 0.74 3.35 6.74
CA ALA A 21 0.75 2.38 5.68
C ALA A 21 -0.67 2.00 5.30
N GLU A 22 -1.53 1.84 6.30
CA GLU A 22 -2.92 1.50 6.03
C GLU A 22 -3.53 2.40 4.96
N ALA A 23 -2.95 3.59 4.80
CA ALA A 23 -3.44 4.54 3.80
C ALA A 23 -3.13 4.09 2.39
N ILE A 24 -1.86 4.08 2.03
CA ILE A 24 -1.47 3.66 0.70
C ILE A 24 -1.72 2.16 0.54
N GLU A 25 -2.06 1.49 1.64
CA GLU A 25 -2.37 0.07 1.61
C GLU A 25 -3.77 -0.14 1.04
N LYS A 26 -4.65 0.84 1.26
CA LYS A 26 -6.02 0.72 0.77
C LYS A 26 -6.13 1.00 -0.73
N THR A 27 -5.05 1.48 -1.34
CA THR A 27 -5.08 1.71 -2.77
C THR A 27 -4.60 0.45 -3.49
N LEU A 28 -3.96 -0.43 -2.73
CA LEU A 28 -3.47 -1.69 -3.27
C LEU A 28 -4.65 -2.47 -3.82
N LYS A 29 -5.80 -2.33 -3.18
CA LYS A 29 -7.02 -3.01 -3.63
C LYS A 29 -7.34 -2.63 -5.08
N ASN A 30 -6.76 -1.52 -5.54
CA ASN A 30 -6.98 -1.03 -6.91
C ASN A 30 -6.93 -2.19 -7.92
N LYS A 31 -7.77 -2.08 -8.95
CA LYS A 31 -7.83 -3.11 -9.98
C LYS A 31 -8.38 -2.53 -11.29
N GLN A 32 -8.14 -3.23 -12.39
CA GLN A 32 -8.59 -2.79 -13.70
C GLN A 32 -9.14 -3.96 -14.51
N ASN A 33 -8.39 -5.05 -14.55
CA ASN A 33 -8.81 -6.24 -15.29
C ASN A 33 -10.14 -6.76 -14.77
#